data_4J1J
#
_entry.id   4J1J
#
_cell.length_a   50.403
_cell.length_b   73.199
_cell.length_c   77.905
_cell.angle_alpha   70.89
_cell.angle_beta   82.54
_cell.angle_gamma   73.73
#
_symmetry.space_group_name_H-M   'P 1'
#
loop_
_entity.id
_entity.type
_entity.pdbx_description
1 polymer Nucleocapsid
2 polymer "DNA (5'-D(P*AP*CP*CP*AP*AP*AP*CP*AP*AP*CP*CP*CP*AP*CP*CP*CP*A)-3')"
3 water water
#
loop_
_entity_poly.entity_id
_entity_poly.type
_entity_poly.pdbx_seq_one_letter_code
_entity_poly.pdbx_strand_id
1 'polypeptide(L)'
;MSTGPDFIYDDRPAAVSSTFNPEKGYMDFITAYGKNINADNVRIFFLNHKKAKDSLKGSPKVEVDLQFGTLRVKVVNNHN
PRNRDNPVADNAITLHRLSGYLAKWCFDEIDHGQIEEAEVKSKVVIPLAEAKGCKWGDGVALYLAFAPGAEMFLKDFEFY
PLAIDIQRVVKDGMDITFMRKVLKQRYGTKTADDWMISEVTAIQSAVKVVAKLPWAKAGFTAAAKNFLAKFNISV
;
D,A,B,C
2 'polydeoxyribonucleotide' (DA)(DC)(DC)(DA)(DA)(DA)(DC)(DA)(DA)(DC)(DC)(DC)(DA)(DC)(DC)(DC)(DA) H,I
#
loop_
_chem_comp.id
_chem_comp.type
_chem_comp.name
_chem_comp.formula
DA DNA linking 2'-DEOXYADENOSINE-5'-MONOPHOSPHATE 'C10 H14 N5 O6 P'
DC DNA linking 2'-DEOXYCYTIDINE-5'-MONOPHOSPHATE 'C9 H14 N3 O7 P'
#
# COMPACT_ATOMS: atom_id res chain seq x y z
N ASP A 6 -35.61 -15.08 -4.82
CA ASP A 6 -34.39 -15.88 -4.89
C ASP A 6 -33.49 -15.33 -5.99
N PHE A 7 -32.18 -15.33 -5.76
CA PHE A 7 -31.58 -15.51 -4.46
C PHE A 7 -30.82 -14.23 -4.19
N ILE A 8 -30.51 -13.53 -5.27
CA ILE A 8 -29.89 -12.21 -5.22
C ILE A 8 -30.54 -11.44 -6.36
N TYR A 9 -30.89 -10.18 -6.14
CA TYR A 9 -31.70 -9.43 -7.08
C TYR A 9 -30.98 -8.13 -7.41
N ASP A 10 -31.13 -7.70 -8.66
CA ASP A 10 -30.39 -6.56 -9.17
C ASP A 10 -31.29 -5.85 -10.17
N ASP A 11 -31.26 -4.51 -10.13
CA ASP A 11 -32.29 -3.72 -10.79
C ASP A 11 -31.76 -2.42 -11.41
N ARG A 12 -32.63 -1.83 -12.21
CA ARG A 12 -32.34 -0.55 -12.79
C ARG A 12 -32.47 0.59 -11.82
N PRO A 13 -31.55 1.53 -11.93
CA PRO A 13 -31.63 2.81 -11.23
C PRO A 13 -32.41 3.84 -12.08
N ALA A 14 -31.79 4.97 -12.43
CA ALA A 14 -32.26 5.85 -13.51
C ALA A 14 -31.21 6.89 -13.94
N ALA A 15 -31.66 7.95 -14.62
CA ALA A 15 -30.78 9.03 -15.10
C ALA A 15 -31.40 10.43 -14.87
N VAL A 16 -31.06 11.10 -13.76
CA VAL A 16 -31.67 12.40 -13.45
C VAL A 16 -30.63 13.55 -13.38
N SER A 17 -31.09 14.79 -13.56
CA SER A 17 -30.24 15.98 -13.57
C SER A 17 -30.25 16.70 -12.22
N SER A 18 -29.21 17.47 -11.93
CA SER A 18 -29.01 18.09 -10.61
C SER A 18 -29.59 19.49 -10.43
N THR A 19 -30.48 19.62 -9.44
CA THR A 19 -31.06 20.90 -9.11
C THR A 19 -30.41 21.53 -7.87
N PHE A 20 -29.48 20.83 -7.25
CA PHE A 20 -28.97 21.18 -5.94
C PHE A 20 -28.30 22.54 -5.94
N ASN A 21 -28.69 23.35 -4.96
CA ASN A 21 -28.15 24.67 -4.73
C ASN A 21 -27.54 24.78 -3.34
N PRO A 22 -26.22 24.94 -3.28
CA PRO A 22 -25.43 24.97 -2.04
C PRO A 22 -25.89 26.08 -1.09
N GLU A 23 -26.32 27.20 -1.64
CA GLU A 23 -26.81 28.31 -0.82
C GLU A 23 -28.09 27.93 -0.09
N LYS A 24 -29.00 27.29 -0.81
CA LYS A 24 -30.27 26.86 -0.26
C LYS A 24 -30.03 25.76 0.76
N GLY A 25 -29.16 24.81 0.38
CA GLY A 25 -28.77 23.73 1.27
C GLY A 25 -28.18 24.22 2.58
N TYR A 26 -27.33 25.24 2.47
CA TYR A 26 -26.69 25.84 3.64
C TYR A 26 -27.70 26.53 4.53
N MET A 27 -28.57 27.33 3.93
CA MET A 27 -29.58 28.07 4.69
C MET A 27 -30.47 27.10 5.46
N ASP A 28 -30.89 26.03 4.78
CA ASP A 28 -31.71 24.99 5.37
C ASP A 28 -30.96 24.31 6.52
N PHE A 29 -29.69 23.99 6.28
CA PHE A 29 -28.85 23.31 7.26
C PHE A 29 -28.70 24.15 8.53
N ILE A 30 -28.51 25.46 8.34
CA ILE A 30 -28.37 26.39 9.46
C ILE A 30 -29.68 26.47 10.23
N THR A 31 -30.79 26.45 9.50
CA THR A 31 -32.10 26.51 10.15
C THR A 31 -32.31 25.26 11.00
N ALA A 32 -31.84 24.11 10.51
CA ALA A 32 -32.09 22.85 11.19
C ALA A 32 -31.12 22.53 12.35
N TYR A 33 -29.88 22.98 12.26
CA TYR A 33 -28.85 22.58 13.23
C TYR A 33 -28.08 23.73 13.88
N GLY A 34 -28.36 24.96 13.48
CA GLY A 34 -27.55 26.10 13.87
C GLY A 34 -27.38 26.39 15.35
N LYS A 35 -28.34 25.93 16.16
CA LYS A 35 -28.31 26.20 17.60
C LYS A 35 -27.12 25.51 18.28
N ASN A 36 -26.68 24.40 17.71
CA ASN A 36 -25.59 23.63 18.31
C ASN A 36 -24.29 23.75 17.52
N ILE A 37 -24.24 24.70 16.60
CA ILE A 37 -23.01 24.97 15.87
C ILE A 37 -22.25 26.08 16.59
N ASN A 38 -21.05 25.73 17.05
CA ASN A 38 -20.14 26.67 17.68
C ASN A 38 -18.71 26.32 17.32
N ALA A 39 -17.78 27.20 17.64
CA ALA A 39 -16.38 27.02 17.25
C ALA A 39 -15.79 25.73 17.81
N ASP A 40 -16.24 25.34 19.00
CA ASP A 40 -15.74 24.14 19.65
C ASP A 40 -16.10 22.88 18.85
N ASN A 41 -17.40 22.72 18.57
CA ASN A 41 -17.90 21.57 17.85
C ASN A 41 -17.33 21.51 16.43
N VAL A 42 -17.14 22.69 15.82
CA VAL A 42 -16.60 22.79 14.47
C VAL A 42 -15.13 22.38 14.45
N ARG A 43 -14.38 22.82 15.47
CA ARG A 43 -13.01 22.36 15.65
C ARG A 43 -12.96 20.84 15.68
N ILE A 44 -13.83 20.27 16.52
CA ILE A 44 -13.91 18.83 16.65
C ILE A 44 -14.20 18.18 15.29
N PHE A 45 -15.14 18.76 14.54
CA PHE A 45 -15.48 18.23 13.22
C PHE A 45 -14.26 18.17 12.33
N PHE A 46 -13.60 19.31 12.16
CA PHE A 46 -12.47 19.38 11.23
C PHE A 46 -11.28 18.52 11.66
N LEU A 47 -11.12 18.30 12.96
CA LEU A 47 -10.04 17.43 13.42
C LEU A 47 -10.41 15.95 13.30
N ASN A 48 -11.70 15.66 13.22
CA ASN A 48 -12.14 14.27 13.16
C ASN A 48 -12.84 13.88 11.86
N HIS A 49 -12.70 14.71 10.82
CA HIS A 49 -13.34 14.44 9.54
C HIS A 49 -12.92 13.12 8.93
N LYS A 50 -11.61 12.95 8.74
CA LYS A 50 -11.07 11.73 8.16
C LYS A 50 -11.51 10.49 8.96
N LYS A 51 -11.47 10.59 10.28
CA LYS A 51 -11.88 9.49 11.15
C LYS A 51 -13.34 9.11 10.91
N ALA A 52 -14.19 10.13 10.85
CA ALA A 52 -15.62 9.93 10.62
C ALA A 52 -15.82 9.28 9.25
N LYS A 53 -14.97 9.68 8.32
CA LYS A 53 -14.99 9.19 6.96
C LYS A 53 -14.69 7.69 6.93
N ASP A 54 -13.59 7.30 7.58
CA ASP A 54 -13.22 5.90 7.66
C ASP A 54 -14.30 5.05 8.32
N SER A 55 -14.89 5.59 9.40
CA SER A 55 -15.98 4.89 10.07
C SER A 55 -17.18 4.73 9.13
N LEU A 56 -17.42 5.73 8.30
CA LEU A 56 -18.48 5.67 7.30
C LEU A 56 -18.21 4.61 6.23
N LYS A 57 -16.95 4.52 5.81
CA LYS A 57 -16.50 3.48 4.90
C LYS A 57 -16.64 2.10 5.55
N GLY A 58 -16.58 2.08 6.88
CA GLY A 58 -16.75 0.86 7.64
C GLY A 58 -18.19 0.49 7.95
N SER A 59 -19.05 1.49 8.04
CA SER A 59 -20.44 1.28 8.47
C SER A 59 -21.30 0.77 7.31
N PRO A 60 -22.32 -0.05 7.61
CA PRO A 60 -23.24 -0.57 6.60
C PRO A 60 -24.49 0.29 6.54
N LYS A 61 -24.65 1.14 7.55
CA LYS A 61 -25.83 1.96 7.68
C LYS A 61 -25.91 3.00 6.58
N VAL A 62 -27.13 3.40 6.23
CA VAL A 62 -27.35 4.37 5.17
C VAL A 62 -27.35 5.80 5.73
N GLU A 63 -28.03 5.97 6.86
CA GLU A 63 -28.04 7.26 7.54
C GLU A 63 -27.43 7.09 8.92
N VAL A 64 -26.39 7.86 9.19
CA VAL A 64 -25.64 7.72 10.43
C VAL A 64 -25.78 8.96 11.31
N ASP A 65 -25.91 8.73 12.62
CA ASP A 65 -26.00 9.82 13.58
C ASP A 65 -24.60 10.08 14.10
N LEU A 66 -24.06 11.23 13.74
CA LEU A 66 -22.71 11.57 14.17
C LEU A 66 -22.80 12.68 15.21
N GLN A 67 -21.87 12.68 16.16
CA GLN A 67 -21.83 13.71 17.17
C GLN A 67 -20.43 14.30 17.28
N PHE A 68 -20.28 15.56 16.94
CA PHE A 68 -19.00 16.19 17.14
C PHE A 68 -19.20 17.20 18.25
N GLY A 69 -18.55 17.00 19.38
CA GLY A 69 -18.86 17.80 20.52
C GLY A 69 -20.30 17.61 20.95
N THR A 70 -21.06 18.69 20.93
CA THR A 70 -22.46 18.64 21.23
C THR A 70 -23.33 18.76 19.99
N LEU A 71 -22.70 18.78 18.82
CA LEU A 71 -23.42 18.89 17.54
C LEU A 71 -23.75 17.50 16.99
N ARG A 72 -25.04 17.18 16.96
CA ARG A 72 -25.49 15.90 16.46
C ARG A 72 -26.20 16.05 15.11
N VAL A 73 -25.66 15.38 14.09
CA VAL A 73 -26.15 15.53 12.73
C VAL A 73 -26.39 14.16 12.09
N LYS A 74 -27.54 14.01 11.45
CA LYS A 74 -27.83 12.81 10.70
C LYS A 74 -27.34 12.99 9.27
N VAL A 75 -26.38 12.16 8.86
CA VAL A 75 -25.71 12.36 7.59
C VAL A 75 -25.87 11.10 6.74
N VAL A 76 -26.15 11.29 5.46
CA VAL A 76 -26.27 10.18 4.52
C VAL A 76 -24.88 9.63 4.22
N ASN A 77 -24.73 8.31 4.36
CA ASN A 77 -23.45 7.67 4.09
C ASN A 77 -23.37 7.27 2.61
N ASN A 78 -22.40 7.85 1.90
CA ASN A 78 -22.17 7.53 0.50
C ASN A 78 -20.71 7.18 0.32
N HIS A 79 -20.14 6.57 1.35
CA HIS A 79 -18.71 6.26 1.39
C HIS A 79 -18.51 4.74 1.32
N ASN A 80 -19.56 4.00 1.64
CA ASN A 80 -19.56 2.55 1.53
C ASN A 80 -20.10 2.15 0.15
N PRO A 81 -19.38 1.25 -0.55
CA PRO A 81 -19.74 0.71 -1.86
C PRO A 81 -21.13 0.07 -1.94
N ARG A 82 -21.61 -0.44 -0.81
CA ARG A 82 -22.98 -0.94 -0.70
C ARG A 82 -23.94 0.24 -0.77
N ASN A 83 -23.50 1.34 -0.17
CA ASN A 83 -24.26 2.57 -0.04
C ASN A 83 -23.94 3.66 -1.07
N ARG A 84 -22.95 3.43 -1.92
CA ARG A 84 -22.58 4.41 -2.95
C ARG A 84 -23.58 4.54 -4.10
N ASP A 85 -24.68 3.80 -4.03
CA ASP A 85 -25.66 3.80 -5.12
C ASP A 85 -26.93 4.52 -4.71
N ASN A 86 -26.96 4.96 -3.45
CA ASN A 86 -28.05 5.77 -2.94
C ASN A 86 -28.06 7.19 -3.48
N PRO A 87 -29.26 7.69 -3.81
CA PRO A 87 -29.43 9.06 -4.31
C PRO A 87 -29.38 10.02 -3.12
N VAL A 88 -28.96 11.25 -3.37
CA VAL A 88 -28.88 12.23 -2.30
C VAL A 88 -29.82 13.40 -2.54
N ALA A 89 -30.83 13.53 -1.68
CA ALA A 89 -31.80 14.60 -1.79
C ALA A 89 -31.07 15.93 -1.57
N ASP A 90 -31.65 17.02 -2.06
CA ASP A 90 -30.99 18.33 -1.97
C ASP A 90 -30.96 18.83 -0.53
N ASN A 91 -31.78 18.21 0.32
CA ASN A 91 -31.85 18.54 1.73
C ASN A 91 -31.01 17.58 2.55
N ALA A 92 -30.35 16.63 1.88
CA ALA A 92 -29.56 15.63 2.56
C ALA A 92 -28.18 16.18 2.88
N ILE A 93 -27.57 15.66 3.94
CA ILE A 93 -26.25 16.10 4.35
C ILE A 93 -25.25 14.96 4.19
N THR A 94 -24.16 15.23 3.47
CA THR A 94 -23.07 14.27 3.37
C THR A 94 -21.92 14.83 4.20
N LEU A 95 -20.86 14.06 4.35
CA LEU A 95 -19.70 14.53 5.10
C LEU A 95 -19.10 15.72 4.36
N HIS A 96 -19.08 15.60 3.04
CA HIS A 96 -18.52 16.63 2.17
C HIS A 96 -19.35 17.90 2.30
N ARG A 97 -20.67 17.75 2.20
CA ARG A 97 -21.59 18.88 2.33
C ARG A 97 -21.53 19.50 3.72
N LEU A 98 -21.42 18.67 4.74
CA LEU A 98 -21.36 19.16 6.11
C LEU A 98 -20.09 19.99 6.28
N SER A 99 -19.00 19.50 5.68
CA SER A 99 -17.72 20.20 5.74
C SER A 99 -17.81 21.56 5.04
N GLY A 100 -18.41 21.57 3.85
CA GLY A 100 -18.59 22.83 3.14
C GLY A 100 -19.42 23.82 3.94
N TYR A 101 -20.53 23.32 4.49
CA TYR A 101 -21.44 24.15 5.27
C TYR A 101 -20.74 24.75 6.48
N LEU A 102 -19.90 23.95 7.14
CA LEU A 102 -19.20 24.42 8.32
C LEU A 102 -18.09 25.41 7.95
N ALA A 103 -17.49 25.22 6.79
CA ALA A 103 -16.50 26.18 6.30
C ALA A 103 -17.17 27.54 6.08
N LYS A 104 -18.31 27.53 5.39
CA LYS A 104 -19.01 28.79 5.16
C LYS A 104 -19.50 29.38 6.48
N TRP A 105 -19.90 28.52 7.41
CA TRP A 105 -20.34 28.97 8.72
C TRP A 105 -19.24 29.73 9.43
N CYS A 106 -18.03 29.17 9.41
CA CYS A 106 -16.87 29.87 9.97
C CYS A 106 -16.71 31.21 9.27
N PHE A 107 -16.92 31.21 7.95
CA PHE A 107 -16.76 32.44 7.16
C PHE A 107 -17.70 33.56 7.61
N ASP A 108 -18.96 33.23 7.87
CA ASP A 108 -19.95 34.22 8.30
C ASP A 108 -19.77 34.61 9.78
N GLU A 109 -19.48 33.60 10.60
CA GLU A 109 -19.29 33.78 12.03
C GLU A 109 -18.15 34.75 12.30
N ILE A 110 -17.06 34.61 11.53
CA ILE A 110 -15.93 35.52 11.63
C ILE A 110 -16.42 36.94 11.32
N ASP A 111 -17.35 37.05 10.39
CA ASP A 111 -17.89 38.34 9.97
C ASP A 111 -18.84 38.95 11.00
N HIS A 112 -19.39 38.13 11.91
CA HIS A 112 -20.27 38.63 12.97
C HIS A 112 -19.65 39.65 13.93
N GLY A 113 -18.33 39.61 14.11
CA GLY A 113 -17.69 40.51 15.05
C GLY A 113 -16.34 40.02 15.56
N GLN A 114 -15.77 40.79 16.47
CA GLN A 114 -14.39 40.60 16.92
C GLN A 114 -14.19 39.35 17.78
N ILE A 115 -15.15 39.10 18.68
CA ILE A 115 -15.04 38.01 19.64
C ILE A 115 -15.26 36.69 18.90
N GLU A 116 -16.26 36.68 18.02
CA GLU A 116 -16.57 35.50 17.23
C GLU A 116 -15.39 35.15 16.32
N GLU A 117 -14.80 36.18 15.71
CA GLU A 117 -13.62 36.01 14.86
C GLU A 117 -12.50 35.37 15.65
N ALA A 118 -12.27 35.89 16.84
CA ALA A 118 -11.18 35.40 17.68
C ALA A 118 -11.40 33.96 18.10
N GLU A 119 -12.64 33.62 18.45
CA GLU A 119 -12.97 32.27 18.88
C GLU A 119 -12.74 31.28 17.74
N VAL A 120 -13.24 31.62 16.55
CA VAL A 120 -13.07 30.78 15.37
C VAL A 120 -11.60 30.59 15.03
N LYS A 121 -10.84 31.69 14.94
CA LYS A 121 -9.44 31.60 14.57
C LYS A 121 -8.58 30.90 15.62
N SER A 122 -9.01 30.96 16.88
CA SER A 122 -8.23 30.38 17.96
C SER A 122 -8.54 28.90 18.18
N LYS A 123 -9.74 28.48 17.77
CA LYS A 123 -10.13 27.10 18.03
C LYS A 123 -10.12 26.22 16.79
N VAL A 124 -10.55 26.76 15.66
CA VAL A 124 -10.69 25.96 14.45
C VAL A 124 -9.36 25.78 13.72
N VAL A 125 -8.99 24.51 13.49
CA VAL A 125 -7.79 24.18 12.73
C VAL A 125 -8.18 23.25 11.58
N ILE A 126 -7.73 23.58 10.37
CA ILE A 126 -7.97 22.74 9.21
C ILE A 126 -6.65 22.10 8.78
N PRO A 127 -6.50 20.80 9.06
CA PRO A 127 -5.26 20.03 8.89
C PRO A 127 -4.75 20.08 7.45
N LEU A 128 -5.66 20.10 6.48
CA LEU A 128 -5.25 20.14 5.07
C LEU A 128 -4.56 21.46 4.75
N ALA A 129 -4.89 22.50 5.49
CA ALA A 129 -4.27 23.81 5.27
C ALA A 129 -2.91 23.89 5.94
N GLU A 130 -2.84 23.42 7.18
CA GLU A 130 -1.59 23.49 7.93
C GLU A 130 -0.54 22.51 7.41
N ALA A 131 -1.01 21.44 6.76
CA ALA A 131 -0.09 20.49 6.14
C ALA A 131 0.64 21.17 4.98
N LYS A 132 0.09 22.29 4.51
CA LYS A 132 0.69 23.08 3.44
C LYS A 132 1.18 24.41 3.98
N GLY A 133 1.19 24.53 5.31
CA GLY A 133 1.76 25.70 5.96
C GLY A 133 0.90 26.93 5.86
N CYS A 134 -0.39 26.75 5.59
CA CYS A 134 -1.30 27.88 5.58
C CYS A 134 -1.81 28.09 6.99
N LYS A 135 -1.81 29.34 7.43
CA LYS A 135 -2.36 29.70 8.73
C LYS A 135 -3.46 30.73 8.53
N TRP A 136 -4.21 31.01 9.60
CA TRP A 136 -5.30 31.97 9.55
C TRP A 136 -4.82 33.34 9.09
N GLY A 137 -3.59 33.69 9.46
CA GLY A 137 -3.02 34.98 9.13
C GLY A 137 -2.85 35.20 7.64
N ASP A 138 -2.71 34.09 6.92
CA ASP A 138 -2.61 34.09 5.47
C ASP A 138 -3.87 34.61 4.83
N GLY A 139 -5.00 34.30 5.43
CA GLY A 139 -6.25 34.91 5.08
C GLY A 139 -7.37 34.01 5.50
N VAL A 140 -8.55 34.56 5.71
CA VAL A 140 -9.69 33.76 6.10
C VAL A 140 -10.21 32.88 4.97
N ALA A 141 -10.42 33.49 3.83
CA ALA A 141 -10.93 32.79 2.65
C ALA A 141 -9.98 31.69 2.19
N LEU A 142 -8.70 32.02 2.09
CA LEU A 142 -7.69 31.06 1.65
C LEU A 142 -7.59 29.87 2.60
N TYR A 143 -7.49 30.16 3.90
CA TYR A 143 -7.35 29.12 4.90
C TYR A 143 -8.57 28.20 4.90
N LEU A 144 -9.76 28.79 4.78
CA LEU A 144 -10.99 28.01 4.80
C LEU A 144 -11.19 27.24 3.50
N ALA A 145 -10.51 27.70 2.44
CA ALA A 145 -10.62 27.07 1.14
C ALA A 145 -10.06 25.65 1.12
N PHE A 146 -9.21 25.35 2.08
CA PHE A 146 -8.61 24.02 2.18
C PHE A 146 -9.60 22.99 2.70
N ALA A 147 -10.67 23.46 3.33
CA ALA A 147 -11.70 22.57 3.85
C ALA A 147 -12.40 21.87 2.68
N PRO A 148 -12.60 20.55 2.81
CA PRO A 148 -13.37 19.82 1.80
C PRO A 148 -14.77 20.41 1.71
N GLY A 149 -15.30 20.55 0.51
CA GLY A 149 -16.63 21.11 0.34
C GLY A 149 -16.64 22.60 0.11
N ALA A 150 -15.49 23.24 0.32
CA ALA A 150 -15.37 24.68 0.16
C ALA A 150 -15.62 25.12 -1.29
N GLU A 151 -15.43 24.18 -2.23
CA GLU A 151 -15.65 24.48 -3.64
C GLU A 151 -17.11 24.81 -3.93
N MET A 152 -17.99 24.49 -2.99
CA MET A 152 -19.41 24.79 -3.12
C MET A 152 -19.65 26.30 -2.98
N PHE A 153 -18.64 27.02 -2.51
CA PHE A 153 -18.76 28.46 -2.31
C PHE A 153 -17.52 29.18 -2.86
N LEU A 154 -17.33 29.07 -4.18
CA LEU A 154 -16.16 29.63 -4.85
C LEU A 154 -16.04 31.12 -4.64
N LYS A 155 -17.17 31.81 -4.59
CA LYS A 155 -17.17 33.26 -4.46
C LYS A 155 -16.72 33.74 -3.09
N ASP A 156 -17.33 33.20 -2.04
CA ASP A 156 -17.00 33.57 -0.68
C ASP A 156 -15.51 33.33 -0.40
N PHE A 157 -14.98 32.27 -1.01
CA PHE A 157 -13.58 31.90 -0.83
C PHE A 157 -12.71 32.35 -2.00
N GLU A 158 -13.27 33.18 -2.85
CA GLU A 158 -12.49 33.89 -3.83
C GLU A 158 -11.71 33.00 -4.78
N PHE A 159 -12.29 31.86 -5.13
CA PHE A 159 -11.75 30.94 -6.12
C PHE A 159 -10.55 30.23 -5.58
N TYR A 160 -10.33 30.33 -4.29
CA TYR A 160 -9.15 29.73 -3.69
C TYR A 160 -9.15 28.24 -3.79
N PRO A 161 -10.30 27.60 -3.62
CA PRO A 161 -10.35 26.15 -3.77
C PRO A 161 -9.91 25.67 -5.16
N LEU A 162 -10.33 26.42 -6.18
CA LEU A 162 -9.96 26.13 -7.56
C LEU A 162 -8.44 26.20 -7.74
N ALA A 163 -7.87 27.31 -7.29
CA ALA A 163 -6.43 27.53 -7.38
C ALA A 163 -5.65 26.44 -6.63
N ILE A 164 -6.19 26.01 -5.48
CA ILE A 164 -5.59 24.95 -4.67
C ILE A 164 -5.60 23.61 -5.42
N ASP A 165 -6.72 23.26 -6.04
CA ASP A 165 -6.77 22.03 -6.85
C ASP A 165 -5.75 22.09 -7.99
N ILE A 166 -5.72 23.23 -8.68
CA ILE A 166 -4.79 23.47 -9.76
C ILE A 166 -3.36 23.25 -9.26
N GLN A 167 -3.06 23.79 -8.09
CA GLN A 167 -1.73 23.69 -7.50
C GLN A 167 -1.40 22.26 -7.06
N ARG A 168 -2.42 21.50 -6.69
CA ARG A 168 -2.22 20.10 -6.33
C ARG A 168 -1.84 19.33 -7.58
N VAL A 169 -2.43 19.72 -8.70
CA VAL A 169 -2.09 19.14 -9.99
C VAL A 169 -0.66 19.51 -10.40
N VAL A 170 -0.36 20.81 -10.42
CA VAL A 170 0.94 21.32 -10.86
C VAL A 170 2.10 20.83 -9.98
N LYS A 171 1.96 21.02 -8.67
CA LYS A 171 3.03 20.66 -7.73
C LYS A 171 3.00 19.20 -7.31
N ASP A 172 1.84 18.72 -6.87
CA ASP A 172 1.77 17.38 -6.28
C ASP A 172 1.31 16.32 -7.28
N GLY A 173 1.23 16.72 -8.55
CA GLY A 173 0.90 15.80 -9.62
C GLY A 173 -0.39 15.04 -9.41
N MET A 174 -1.40 15.70 -8.86
CA MET A 174 -2.71 15.07 -8.69
C MET A 174 -3.27 14.78 -10.07
N ASP A 175 -4.00 13.67 -10.18
CA ASP A 175 -4.62 13.33 -11.45
C ASP A 175 -5.77 14.31 -11.71
N ILE A 176 -5.92 14.72 -12.96
CA ILE A 176 -6.81 15.81 -13.34
C ILE A 176 -8.29 15.47 -13.06
N THR A 177 -8.60 14.18 -12.95
CA THR A 177 -9.98 13.72 -12.75
C THR A 177 -10.62 14.29 -11.48
N PHE A 178 -9.81 14.53 -10.45
CA PHE A 178 -10.28 15.09 -9.18
C PHE A 178 -10.75 16.55 -9.29
N MET A 179 -10.44 17.18 -10.41
CA MET A 179 -10.79 18.58 -10.63
C MET A 179 -12.19 18.80 -11.20
N ARG A 180 -12.86 17.72 -11.57
CA ARG A 180 -14.17 17.82 -12.21
C ARG A 180 -15.22 18.55 -11.38
N LYS A 181 -15.22 18.31 -10.07
CA LYS A 181 -16.21 18.91 -9.19
C LYS A 181 -16.13 20.42 -9.16
N VAL A 182 -14.93 20.97 -9.04
CA VAL A 182 -14.75 22.41 -8.93
C VAL A 182 -14.99 23.10 -10.27
N LEU A 183 -14.85 22.34 -11.36
CA LEU A 183 -14.98 22.91 -12.70
C LEU A 183 -16.41 22.88 -13.18
N LYS A 184 -17.31 22.38 -12.34
CA LYS A 184 -18.74 22.38 -12.64
C LYS A 184 -19.45 23.30 -11.65
N GLN A 185 -18.69 23.80 -10.67
CA GLN A 185 -19.28 24.68 -9.66
C GLN A 185 -19.57 26.05 -10.22
N ARG A 186 -20.48 26.75 -9.54
CA ARG A 186 -20.86 28.08 -9.95
C ARG A 186 -20.07 29.13 -9.20
N TYR A 187 -20.17 30.36 -9.68
CA TYR A 187 -19.54 31.49 -9.04
C TYR A 187 -20.65 32.51 -8.85
N GLY A 188 -21.23 32.51 -7.67
CA GLY A 188 -22.47 33.22 -7.45
C GLY A 188 -23.51 32.50 -8.28
N THR A 189 -24.03 33.18 -9.29
CA THR A 189 -24.99 32.56 -10.20
C THR A 189 -24.37 32.20 -11.55
N LYS A 190 -23.16 32.69 -11.82
CA LYS A 190 -22.50 32.36 -13.09
C LYS A 190 -22.21 30.87 -13.18
N THR A 191 -22.40 30.30 -14.36
CA THR A 191 -22.04 28.91 -14.59
C THR A 191 -20.55 28.86 -14.95
N ALA A 192 -20.00 27.65 -15.00
CA ALA A 192 -18.57 27.48 -15.24
C ALA A 192 -18.19 28.03 -16.60
N ASP A 193 -19.01 27.77 -17.60
CA ASP A 193 -18.74 28.24 -18.96
C ASP A 193 -18.66 29.77 -19.04
N ASP A 194 -19.29 30.45 -18.09
CA ASP A 194 -19.24 31.91 -18.03
C ASP A 194 -17.96 32.39 -17.31
N TRP A 195 -17.80 31.96 -16.05
CA TRP A 195 -16.70 32.48 -15.23
C TRP A 195 -15.32 31.99 -15.68
N MET A 196 -15.28 30.93 -16.49
CA MET A 196 -14.01 30.46 -17.03
C MET A 196 -13.43 31.50 -18.00
N ILE A 197 -14.31 32.35 -18.53
CA ILE A 197 -13.90 33.43 -19.41
C ILE A 197 -13.91 34.79 -18.70
N SER A 198 -14.91 35.03 -17.85
CA SER A 198 -15.13 36.37 -17.31
C SER A 198 -14.37 36.66 -16.02
N GLU A 199 -13.85 35.62 -15.37
CA GLU A 199 -13.26 35.79 -14.06
C GLU A 199 -11.80 35.31 -14.00
N VAL A 200 -11.13 35.32 -15.15
CA VAL A 200 -9.78 34.75 -15.25
C VAL A 200 -8.77 35.54 -14.40
N THR A 201 -8.99 36.84 -14.28
CA THR A 201 -8.09 37.71 -13.50
C THR A 201 -8.09 37.34 -12.02
N ALA A 202 -9.28 37.26 -11.44
CA ALA A 202 -9.43 36.91 -10.04
C ALA A 202 -8.83 35.53 -9.76
N ILE A 203 -9.08 34.60 -10.68
CA ILE A 203 -8.54 33.24 -10.59
C ILE A 203 -7.02 33.26 -10.56
N GLN A 204 -6.43 34.10 -11.41
CA GLN A 204 -4.97 34.26 -11.46
C GLN A 204 -4.44 34.85 -10.16
N SER A 205 -5.19 35.78 -9.59
CA SER A 205 -4.84 36.37 -8.29
C SER A 205 -4.79 35.27 -7.24
N ALA A 206 -5.84 34.46 -7.20
CA ALA A 206 -5.92 33.34 -6.28
C ALA A 206 -4.72 32.41 -6.44
N VAL A 207 -4.41 32.08 -7.71
CA VAL A 207 -3.29 31.21 -8.03
C VAL A 207 -1.96 31.76 -7.51
N LYS A 208 -1.73 33.06 -7.70
CA LYS A 208 -0.49 33.68 -7.22
C LYS A 208 -0.41 33.62 -5.67
N VAL A 209 -1.50 33.97 -5.01
CA VAL A 209 -1.57 33.89 -3.55
C VAL A 209 -1.21 32.49 -3.05
N VAL A 210 -1.87 31.47 -3.61
CA VAL A 210 -1.59 30.08 -3.22
C VAL A 210 -0.14 29.72 -3.55
N ALA A 211 0.39 30.31 -4.61
CA ALA A 211 1.76 30.04 -5.02
C ALA A 211 2.74 30.58 -3.98
N LYS A 212 2.33 31.61 -3.26
CA LYS A 212 3.17 32.16 -2.19
C LYS A 212 3.28 31.26 -0.94
N LEU A 213 2.46 30.22 -0.86
CA LEU A 213 2.46 29.32 0.31
C LEU A 213 3.71 28.45 0.36
N PRO A 214 4.11 28.01 1.57
CA PRO A 214 5.27 27.14 1.76
C PRO A 214 5.13 25.86 0.98
N TRP A 215 3.92 25.30 1.00
CA TRP A 215 3.59 24.06 0.29
C TRP A 215 4.40 22.88 0.80
N ALA A 216 5.25 22.32 -0.05
CA ALA A 216 6.09 21.17 0.30
C ALA A 216 7.17 21.54 1.31
N LYS A 217 7.36 22.84 1.46
CA LYS A 217 8.39 23.40 2.33
C LYS A 217 7.95 23.56 3.78
N ALA A 218 6.82 22.96 4.15
CA ALA A 218 6.09 23.35 5.35
C ALA A 218 6.51 22.52 6.57
N GLY A 219 6.74 23.22 7.67
CA GLY A 219 7.32 22.61 8.86
C GLY A 219 8.76 23.08 9.04
N PHE A 220 9.33 23.67 8.00
CA PHE A 220 10.69 24.19 8.08
C PHE A 220 10.70 25.71 7.92
N THR A 221 11.46 26.38 8.80
CA THR A 221 11.66 27.82 8.68
C THR A 221 12.60 28.06 7.51
N ALA A 222 12.78 29.32 7.13
CA ALA A 222 13.74 29.67 6.09
C ALA A 222 15.13 29.32 6.59
N ALA A 223 15.36 29.55 7.88
CA ALA A 223 16.64 29.24 8.52
C ALA A 223 16.93 27.74 8.44
N ALA A 224 15.90 26.94 8.66
CA ALA A 224 16.02 25.48 8.59
C ALA A 224 16.41 25.05 7.18
N LYS A 225 15.77 25.66 6.19
CA LYS A 225 15.98 25.30 4.80
C LYS A 225 17.35 25.70 4.30
N ASN A 226 17.83 26.86 4.76
CA ASN A 226 19.16 27.30 4.41
C ASN A 226 20.18 26.37 5.03
N PHE A 227 19.91 25.98 6.28
CA PHE A 227 20.82 25.09 7.00
C PHE A 227 20.92 23.75 6.28
N LEU A 228 19.77 23.18 5.92
CA LEU A 228 19.74 21.89 5.25
C LEU A 228 20.39 22.00 3.87
N ALA A 229 20.22 23.16 3.23
CA ALA A 229 20.84 23.42 1.94
C ALA A 229 22.35 23.37 2.08
N LYS A 230 22.84 23.85 3.23
CA LYS A 230 24.27 23.86 3.50
C LYS A 230 24.86 22.44 3.56
N PHE A 231 23.99 21.45 3.72
CA PHE A 231 24.39 20.05 3.76
C PHE A 231 23.78 19.31 2.59
N ASN A 232 23.66 20.03 1.47
CA ASN A 232 23.19 19.48 0.21
C ASN A 232 21.80 18.86 0.35
N ILE A 233 20.94 19.46 1.17
CA ILE A 233 19.57 18.96 1.25
C ILE A 233 18.49 20.02 0.95
N SER A 234 17.90 19.87 -0.24
CA SER A 234 16.73 20.60 -0.67
C SER A 234 15.58 19.63 -0.43
N VAL A 235 14.70 19.88 0.53
CA VAL A 235 14.49 21.21 1.11
C VAL A 235 14.39 21.13 2.62
N THR B 3 -30.19 8.47 22.30
CA THR B 3 -31.06 8.59 21.13
C THR B 3 -30.94 7.47 20.07
N GLY B 4 -29.75 6.96 19.75
CA GLY B 4 -28.43 7.45 20.14
C GLY B 4 -27.55 7.66 18.93
N PRO B 5 -26.46 8.43 19.07
CA PRO B 5 -25.59 8.67 17.90
C PRO B 5 -24.70 7.47 17.56
N ASP B 6 -24.50 7.21 16.28
CA ASP B 6 -23.71 6.03 15.87
C ASP B 6 -22.26 6.29 16.21
N PHE B 7 -21.77 7.47 15.82
CA PHE B 7 -20.39 7.83 16.11
C PHE B 7 -20.40 9.11 16.93
N ILE B 8 -19.37 9.30 17.74
CA ILE B 8 -19.28 10.47 18.61
C ILE B 8 -17.84 10.96 18.62
N TYR B 9 -17.65 12.26 18.48
CA TYR B 9 -16.32 12.86 18.40
C TYR B 9 -16.12 14.05 19.32
N ASP B 10 -14.99 14.12 20.00
CA ASP B 10 -14.35 15.39 20.40
C ASP B 10 -12.90 15.07 20.49
N ASP B 11 -12.06 15.72 19.68
CA ASP B 11 -10.66 15.30 19.69
C ASP B 11 -10.08 15.55 21.06
N ARG B 12 -10.29 16.74 21.57
CA ARG B 12 -9.74 17.95 21.05
C ARG B 12 -8.27 17.94 21.48
N PRO B 13 -7.34 18.33 20.50
CA PRO B 13 -5.95 18.17 20.92
C PRO B 13 -5.37 19.47 21.50
N ALA B 14 -4.46 20.12 20.79
CA ALA B 14 -3.75 21.26 21.37
C ALA B 14 -4.36 22.61 21.03
N ALA B 15 -4.78 23.30 22.07
CA ALA B 15 -5.23 24.67 21.97
C ALA B 15 -4.04 25.49 21.56
N VAL B 16 -2.92 25.11 22.14
CA VAL B 16 -1.70 25.91 22.15
C VAL B 16 -0.52 25.05 22.59
N SER B 17 0.66 25.61 22.46
CA SER B 17 1.90 24.90 22.26
C SER B 17 2.40 24.08 23.44
N SER B 18 3.40 23.26 23.16
CA SER B 18 4.13 22.49 24.13
C SER B 18 5.49 23.14 24.35
N THR B 19 5.85 23.32 25.62
CA THR B 19 7.15 23.80 26.05
C THR B 19 7.84 22.77 26.95
N PHE B 20 8.25 21.67 26.34
CA PHE B 20 8.87 20.53 27.00
C PHE B 20 10.39 20.69 27.12
N ASN B 21 10.93 20.44 28.31
CA ASN B 21 12.38 20.52 28.54
C ASN B 21 12.94 19.16 28.90
N PRO B 22 13.73 18.58 27.99
CA PRO B 22 14.31 17.24 28.07
C PRO B 22 15.22 17.05 29.27
N GLU B 23 15.95 18.09 29.66
CA GLU B 23 16.83 17.99 30.83
C GLU B 23 16.04 17.77 32.11
N LYS B 24 14.96 18.53 32.30
CA LYS B 24 14.15 18.38 33.51
C LYS B 24 13.44 17.04 33.48
N GLY B 25 12.89 16.68 32.31
CA GLY B 25 12.22 15.41 32.13
C GLY B 25 13.15 14.28 32.50
N TYR B 26 14.41 14.44 32.11
CA TYR B 26 15.45 13.44 32.41
C TYR B 26 15.69 13.36 33.90
N MET B 27 15.85 14.51 34.54
CA MET B 27 16.12 14.53 35.98
C MET B 27 14.99 13.89 36.78
N ASP B 28 13.75 14.24 36.42
CA ASP B 28 12.58 13.67 37.06
C ASP B 28 12.51 12.17 36.85
N PHE B 29 12.77 11.74 35.61
CA PHE B 29 12.70 10.31 35.28
C PHE B 29 13.73 9.49 36.07
N ILE B 30 14.95 10.02 36.13
CA ILE B 30 16.04 9.37 36.86
C ILE B 30 15.74 9.36 38.36
N THR B 31 15.16 10.45 38.84
CA THR B 31 14.81 10.56 40.26
C THR B 31 13.74 9.54 40.64
N ALA B 32 12.79 9.34 39.73
CA ALA B 32 11.63 8.49 39.98
C ALA B 32 11.88 6.99 39.78
N TYR B 33 12.80 6.64 38.90
CA TYR B 33 12.98 5.24 38.50
C TYR B 33 14.42 4.74 38.68
N GLY B 34 15.30 5.60 39.17
CA GLY B 34 16.72 5.32 39.20
C GLY B 34 17.18 4.07 39.95
N LYS B 35 16.38 3.60 40.90
CA LYS B 35 16.76 2.44 41.69
C LYS B 35 16.82 1.17 40.85
N ASN B 36 16.01 1.12 39.80
CA ASN B 36 15.95 -0.07 38.96
C ASN B 36 16.55 0.15 37.58
N ILE B 37 17.29 1.25 37.40
CA ILE B 37 17.97 1.46 36.13
C ILE B 37 19.38 0.89 36.25
N ASN B 38 19.66 -0.11 35.43
CA ASN B 38 20.97 -0.74 35.34
C ASN B 38 21.21 -1.17 33.90
N ALA B 39 22.44 -1.57 33.60
CA ALA B 39 22.83 -1.92 32.24
C ALA B 39 21.98 -3.04 31.63
N ASP B 40 21.57 -3.98 32.46
CA ASP B 40 20.74 -5.10 32.01
C ASP B 40 19.37 -4.64 31.49
N ASN B 41 18.64 -3.89 32.32
CA ASN B 41 17.32 -3.39 31.95
C ASN B 41 17.38 -2.46 30.73
N VAL B 42 18.45 -1.68 30.65
CA VAL B 42 18.63 -0.74 29.54
C VAL B 42 18.87 -1.52 28.25
N ARG B 43 19.70 -2.56 28.35
CA ARG B 43 19.90 -3.49 27.24
C ARG B 43 18.59 -4.07 26.74
N ILE B 44 17.80 -4.57 27.67
CA ILE B 44 16.50 -5.15 27.35
C ILE B 44 15.62 -4.12 26.63
N PHE B 45 15.63 -2.88 27.13
CA PHE B 45 14.84 -1.84 26.50
C PHE B 45 15.22 -1.64 25.05
N PHE B 46 16.52 -1.39 24.82
CA PHE B 46 16.96 -1.09 23.47
C PHE B 46 16.74 -2.26 22.53
N LEU B 47 16.73 -3.47 23.08
CA LEU B 47 16.45 -4.64 22.26
C LEU B 47 14.97 -4.87 22.01
N ASN B 48 14.12 -4.26 22.84
CA ASN B 48 12.68 -4.46 22.70
C ASN B 48 11.91 -3.19 22.34
N HIS B 49 12.60 -2.16 21.88
CA HIS B 49 11.94 -0.90 21.53
C HIS B 49 10.86 -1.04 20.45
N LYS B 50 11.22 -1.55 19.28
CA LYS B 50 10.26 -1.72 18.18
C LYS B 50 9.07 -2.61 18.58
N LYS B 51 9.37 -3.72 19.26
CA LYS B 51 8.35 -4.65 19.72
C LYS B 51 7.38 -3.93 20.67
N ALA B 52 7.96 -3.14 21.57
CA ALA B 52 7.17 -2.39 22.54
C ALA B 52 6.27 -1.42 21.79
N LYS B 53 6.78 -0.87 20.71
CA LYS B 53 6.01 0.07 19.91
C LYS B 53 4.81 -0.58 19.23
N ASP B 54 5.02 -1.68 18.51
CA ASP B 54 3.91 -2.35 17.84
C ASP B 54 2.87 -2.80 18.87
N SER B 55 3.37 -3.27 20.01
CA SER B 55 2.50 -3.70 21.11
C SER B 55 1.67 -2.51 21.59
N LEU B 56 2.27 -1.33 21.59
CA LEU B 56 1.57 -0.09 21.95
C LEU B 56 0.49 0.23 20.92
N LYS B 57 0.80 0.00 19.65
CA LYS B 57 -0.15 0.18 18.57
C LYS B 57 -1.33 -0.79 18.75
N GLY B 58 -1.07 -1.89 19.44
CA GLY B 58 -2.09 -2.88 19.71
C GLY B 58 -3.01 -2.57 20.90
N SER B 59 -2.50 -1.79 21.86
CA SER B 59 -3.21 -1.52 23.12
C SER B 59 -4.28 -0.43 22.98
N PRO B 60 -5.35 -0.53 23.80
CA PRO B 60 -6.44 0.47 23.75
C PRO B 60 -6.23 1.48 24.86
N LYS B 61 -5.38 1.09 25.81
CA LYS B 61 -5.14 1.87 27.00
C LYS B 61 -4.43 3.16 26.62
N VAL B 62 -4.64 4.19 27.42
CA VAL B 62 -4.03 5.47 27.17
C VAL B 62 -2.64 5.47 27.81
N GLU B 63 -2.56 4.89 29.00
CA GLU B 63 -1.28 4.75 29.70
C GLU B 63 -0.99 3.27 29.91
N VAL B 64 0.17 2.82 29.41
CA VAL B 64 0.54 1.42 29.42
C VAL B 64 1.73 1.18 30.34
N ASP B 65 1.66 0.12 31.13
CA ASP B 65 2.74 -0.20 32.07
C ASP B 65 3.65 -1.24 31.43
N LEU B 66 4.88 -0.83 31.14
CA LEU B 66 5.86 -1.68 30.47
C LEU B 66 6.93 -2.13 31.44
N GLN B 67 7.48 -3.32 31.22
CA GLN B 67 8.55 -3.82 32.07
C GLN B 67 9.74 -4.30 31.29
N PHE B 68 10.89 -3.70 31.52
CA PHE B 68 12.09 -4.19 30.92
C PHE B 68 12.94 -4.72 32.02
N GLY B 69 13.05 -6.04 32.11
CA GLY B 69 13.74 -6.65 33.22
C GLY B 69 13.01 -6.22 34.46
N THR B 70 13.73 -5.65 35.40
CA THR B 70 13.12 -5.11 36.61
C THR B 70 12.61 -3.67 36.49
N LEU B 71 12.81 -3.05 35.34
CA LEU B 71 12.42 -1.65 35.13
C LEU B 71 10.94 -1.58 34.77
N ARG B 72 10.15 -1.01 35.67
CA ARG B 72 8.71 -0.87 35.48
C ARG B 72 8.41 0.60 35.20
N VAL B 73 7.85 0.88 34.02
CA VAL B 73 7.64 2.25 33.56
C VAL B 73 6.23 2.49 33.02
N LYS B 74 5.59 3.57 33.46
CA LYS B 74 4.29 3.96 32.90
C LYS B 74 4.49 4.91 31.73
N VAL B 75 4.00 4.50 30.55
CA VAL B 75 4.29 5.18 29.30
C VAL B 75 2.98 5.65 28.66
N VAL B 76 2.96 6.88 28.17
CA VAL B 76 1.80 7.39 27.47
C VAL B 76 1.76 6.75 26.08
N ASN B 77 0.62 6.16 25.73
CA ASN B 77 0.48 5.55 24.41
C ASN B 77 -0.01 6.60 23.44
N ASN B 78 0.81 6.84 22.43
CA ASN B 78 0.54 7.81 21.38
C ASN B 78 0.73 7.19 20.01
N HIS B 79 0.48 5.89 19.94
CA HIS B 79 0.77 5.11 18.76
C HIS B 79 -0.44 4.66 17.94
N ASN B 80 -1.61 4.65 18.57
CA ASN B 80 -2.85 4.29 17.89
C ASN B 80 -3.38 5.39 17.00
N PRO B 81 -3.75 4.99 15.71
CA PRO B 81 -4.40 6.05 14.92
C PRO B 81 -5.70 6.51 15.57
N ARG B 82 -6.40 5.59 16.20
CA ARG B 82 -7.40 5.95 17.18
C ARG B 82 -6.63 6.53 18.37
N ASN B 83 -7.16 7.56 19.01
CA ASN B 83 -6.57 8.01 20.27
C ASN B 83 -5.36 8.91 20.09
N ARG B 84 -4.96 9.18 18.86
CA ARG B 84 -3.79 10.01 18.66
C ARG B 84 -4.34 11.40 18.87
N ASP B 85 -4.75 11.64 20.11
CA ASP B 85 -5.26 12.93 20.51
C ASP B 85 -4.11 13.89 20.36
N ASN B 86 -2.97 13.48 20.88
CA ASN B 86 -2.65 13.33 22.29
C ASN B 86 -1.96 14.51 22.91
N PRO B 87 -2.45 14.85 24.18
CA PRO B 87 -1.58 15.77 24.88
C PRO B 87 -0.56 14.90 25.61
N VAL B 88 0.70 15.13 25.32
CA VAL B 88 1.75 14.48 26.09
C VAL B 88 2.29 15.46 27.14
N ALA B 89 2.03 15.17 28.41
CA ALA B 89 2.48 16.08 29.47
C ALA B 89 4.00 16.13 29.45
N ASP B 90 4.57 17.22 29.97
CA ASP B 90 6.01 17.39 29.95
C ASP B 90 6.69 16.49 30.97
N ASN B 91 5.88 15.98 31.90
CA ASN B 91 6.36 15.05 32.92
C ASN B 91 6.00 13.63 32.52
N ALA B 92 5.37 13.51 31.36
CA ALA B 92 4.95 12.21 30.85
C ALA B 92 6.10 11.54 30.13
N ILE B 93 6.07 10.21 30.10
CA ILE B 93 7.10 9.44 29.43
C ILE B 93 6.52 8.71 28.22
N THR B 94 7.11 8.92 27.06
CA THR B 94 6.74 8.17 25.87
C THR B 94 7.92 7.25 25.57
N LEU B 95 7.73 6.37 24.58
CA LEU B 95 8.76 5.42 24.20
C LEU B 95 10.00 6.17 23.69
N HIS B 96 9.75 7.22 22.91
CA HIS B 96 10.81 8.01 22.33
C HIS B 96 11.61 8.72 23.44
N ARG B 97 10.89 9.36 24.35
CA ARG B 97 11.50 10.07 25.47
C ARG B 97 12.25 9.10 26.38
N LEU B 98 11.66 7.93 26.61
CA LEU B 98 12.28 6.93 27.45
C LEU B 98 13.59 6.47 26.83
N SER B 99 13.59 6.30 25.51
CA SER B 99 14.78 5.89 24.78
C SER B 99 15.88 6.94 24.90
N GLY B 100 15.51 8.21 24.71
CA GLY B 100 16.47 9.28 24.88
C GLY B 100 17.05 9.33 26.28
N TYR B 101 16.17 9.20 27.27
CA TYR B 101 16.57 9.25 28.68
C TYR B 101 17.55 8.13 29.01
N LEU B 102 17.31 6.95 28.45
CA LEU B 102 18.20 5.82 28.71
C LEU B 102 19.53 5.98 27.97
N ALA B 103 19.49 6.62 26.81
CA ALA B 103 20.73 6.93 26.11
C ALA B 103 21.59 7.85 26.96
N LYS B 104 20.98 8.91 27.49
CA LYS B 104 21.73 9.83 28.35
C LYS B 104 22.18 9.14 29.63
N TRP B 105 21.34 8.24 30.16
CA TRP B 105 21.70 7.51 31.36
C TRP B 105 22.97 6.71 31.14
N CYS B 106 23.02 5.99 30.01
CA CYS B 106 24.22 5.24 29.65
C CYS B 106 25.40 6.19 29.56
N PHE B 107 25.13 7.36 28.99
CA PHE B 107 26.17 8.38 28.78
C PHE B 107 26.82 8.83 30.09
N ASP B 108 26.01 9.05 31.13
CA ASP B 108 26.54 9.48 32.43
C ASP B 108 27.17 8.31 33.20
N GLU B 109 26.50 7.16 33.12
CA GLU B 109 26.94 5.95 33.80
C GLU B 109 28.35 5.55 33.36
N ILE B 110 28.61 5.68 32.06
CA ILE B 110 29.95 5.39 31.54
C ILE B 110 30.99 6.33 32.16
N ASP B 111 30.59 7.58 32.40
CA ASP B 111 31.51 8.56 32.98
C ASP B 111 31.74 8.32 34.47
N HIS B 112 30.84 7.55 35.09
CA HIS B 112 31.03 7.24 36.52
C HIS B 112 32.38 6.57 36.84
N GLY B 113 32.98 5.91 35.85
CA GLY B 113 34.26 5.23 36.06
C GLY B 113 34.53 4.10 35.10
N GLN B 114 35.67 3.42 35.30
CA GLN B 114 36.16 2.42 34.36
C GLN B 114 35.30 1.15 34.41
N ILE B 115 34.83 0.80 35.61
CA ILE B 115 34.07 -0.42 35.80
C ILE B 115 32.68 -0.25 35.21
N GLU B 116 32.07 0.90 35.48
CA GLU B 116 30.74 1.22 34.97
C GLU B 116 30.75 1.28 33.45
N GLU B 117 31.79 1.91 32.91
CA GLU B 117 32.00 1.97 31.46
C GLU B 117 32.08 0.56 30.90
N ALA B 118 32.81 -0.31 31.58
CA ALA B 118 32.96 -1.69 31.11
C ALA B 118 31.61 -2.40 31.12
N GLU B 119 30.81 -2.16 32.16
CA GLU B 119 29.51 -2.80 32.29
C GLU B 119 28.53 -2.37 31.19
N VAL B 120 28.44 -1.06 30.98
CA VAL B 120 27.56 -0.50 29.96
C VAL B 120 27.97 -1.02 28.58
N LYS B 121 29.26 -0.92 28.28
CA LYS B 121 29.75 -1.33 26.97
C LYS B 121 29.65 -2.84 26.76
N SER B 122 29.63 -3.59 27.86
CA SER B 122 29.59 -5.04 27.76
C SER B 122 28.17 -5.55 27.60
N LYS B 123 27.19 -4.77 28.05
CA LYS B 123 25.80 -5.24 27.99
C LYS B 123 24.87 -4.54 26.98
N VAL B 124 25.00 -3.22 26.85
CA VAL B 124 24.04 -2.44 26.05
C VAL B 124 24.31 -2.47 24.54
N VAL B 125 23.29 -2.83 23.75
CA VAL B 125 23.40 -2.85 22.30
C VAL B 125 22.29 -2.01 21.66
N ILE B 126 22.65 -1.10 20.74
CA ILE B 126 21.69 -0.32 19.97
C ILE B 126 21.69 -0.77 18.51
N PRO B 127 20.64 -1.49 18.10
CA PRO B 127 20.52 -2.15 16.79
C PRO B 127 20.68 -1.16 15.63
N LEU B 128 20.18 0.06 15.80
CA LEU B 128 20.23 1.07 14.74
C LEU B 128 21.67 1.50 14.46
N ALA B 129 22.51 1.39 15.48
CA ALA B 129 23.92 1.77 15.35
C ALA B 129 24.69 0.64 14.67
N GLU B 130 24.41 -0.59 15.08
CA GLU B 130 25.09 -1.75 14.54
C GLU B 130 24.67 -2.02 13.10
N ALA B 131 23.45 -1.60 12.76
CA ALA B 131 22.93 -1.74 11.41
C ALA B 131 23.72 -0.90 10.42
N LYS B 132 24.43 0.11 10.92
CA LYS B 132 25.28 0.94 10.08
C LYS B 132 26.73 0.68 10.44
N GLY B 133 26.95 -0.39 11.20
CA GLY B 133 28.29 -0.84 11.53
C GLY B 133 28.98 0.02 12.57
N CYS B 134 28.20 0.75 13.36
CA CYS B 134 28.78 1.51 14.44
C CYS B 134 28.90 0.63 15.67
N LYS B 135 30.07 0.69 16.31
CA LYS B 135 30.30 -0.02 17.56
C LYS B 135 30.75 0.98 18.62
N TRP B 136 30.81 0.54 19.87
CA TRP B 136 31.22 1.41 20.99
C TRP B 136 32.60 2.00 20.74
N GLY B 137 33.47 1.23 20.08
CA GLY B 137 34.83 1.66 19.83
C GLY B 137 34.90 2.89 18.94
N ASP B 138 33.87 3.08 18.14
CA ASP B 138 33.72 4.29 17.35
C ASP B 138 33.50 5.52 18.23
N GLY B 139 32.98 5.29 19.43
CA GLY B 139 32.90 6.30 20.46
C GLY B 139 31.55 6.36 21.10
N VAL B 140 31.53 6.71 22.37
CA VAL B 140 30.33 6.67 23.17
C VAL B 140 29.25 7.60 22.65
N ALA B 141 29.62 8.83 22.32
CA ALA B 141 28.63 9.79 21.84
C ALA B 141 28.04 9.36 20.49
N LEU B 142 28.90 8.96 19.56
CA LEU B 142 28.45 8.54 18.23
C LEU B 142 27.55 7.31 18.31
N TYR B 143 28.00 6.28 19.03
CA TYR B 143 27.25 5.04 19.14
C TYR B 143 25.89 5.27 19.79
N LEU B 144 25.87 6.08 20.85
CA LEU B 144 24.64 6.35 21.57
C LEU B 144 23.70 7.28 20.79
N ALA B 145 24.28 8.03 19.86
CA ALA B 145 23.50 8.97 19.06
C ALA B 145 22.47 8.30 18.15
N PHE B 146 22.68 7.03 17.83
CA PHE B 146 21.76 6.31 16.95
C PHE B 146 20.44 5.99 17.67
N ALA B 147 20.46 6.08 19.00
CA ALA B 147 19.27 5.81 19.78
C ALA B 147 18.21 6.84 19.46
N PRO B 148 16.96 6.39 19.25
CA PRO B 148 15.84 7.31 19.07
C PRO B 148 15.71 8.19 20.31
N GLY B 149 15.46 9.48 20.12
CA GLY B 149 15.32 10.37 21.26
C GLY B 149 16.64 11.03 21.65
N ALA B 150 17.73 10.54 21.09
CA ALA B 150 19.05 11.07 21.41
C ALA B 150 19.17 12.52 20.97
N GLU B 151 18.30 12.91 20.04
CA GLU B 151 18.26 14.28 19.53
C GLU B 151 17.85 15.27 20.63
N MET B 152 17.32 14.73 21.72
CA MET B 152 16.95 15.54 22.89
C MET B 152 18.21 16.05 23.61
N PHE B 153 19.35 15.45 23.28
CA PHE B 153 20.60 15.81 23.95
C PHE B 153 21.72 16.02 22.93
N LEU B 154 21.52 17.02 22.08
CA LEU B 154 22.43 17.30 20.98
C LEU B 154 23.86 17.60 21.41
N LYS B 155 24.03 18.29 22.54
CA LYS B 155 25.38 18.68 22.95
C LYS B 155 26.18 17.50 23.51
N ASP B 156 25.58 16.72 24.41
CA ASP B 156 26.23 15.54 24.97
C ASP B 156 26.64 14.58 23.86
N PHE B 157 25.82 14.50 22.82
CA PHE B 157 26.07 13.58 21.71
C PHE B 157 26.68 14.32 20.52
N GLU B 158 27.09 15.55 20.75
CA GLU B 158 27.99 16.27 19.85
C GLU B 158 27.47 16.40 18.45
N PHE B 159 26.17 16.59 18.32
CA PHE B 159 25.57 16.82 17.03
C PHE B 159 25.47 15.58 16.18
N TYR B 160 25.79 14.44 16.75
CA TYR B 160 25.75 13.19 16.01
C TYR B 160 24.37 12.80 15.56
N PRO B 161 23.35 12.92 16.40
CA PRO B 161 22.02 12.54 15.94
C PRO B 161 21.61 13.32 14.67
N LEU B 162 21.97 14.61 14.65
CA LEU B 162 21.70 15.46 13.50
C LEU B 162 22.41 14.96 12.24
N ALA B 163 23.72 14.73 12.36
CA ALA B 163 24.52 14.25 11.24
C ALA B 163 24.00 12.92 10.72
N ILE B 164 23.58 12.06 11.65
CA ILE B 164 23.01 10.76 11.31
C ILE B 164 21.72 10.92 10.52
N ASP B 165 20.83 11.81 10.96
CA ASP B 165 19.59 12.07 10.24
C ASP B 165 19.87 12.59 8.82
N ILE B 166 20.79 13.54 8.71
CA ILE B 166 21.22 14.09 7.42
C ILE B 166 21.71 12.94 6.53
N GLN B 167 22.50 12.05 7.10
CA GLN B 167 23.08 10.95 6.34
C GLN B 167 22.00 9.98 5.88
N ARG B 168 20.96 9.85 6.68
CA ARG B 168 19.83 8.99 6.35
C ARG B 168 19.04 9.57 5.18
N VAL B 169 18.87 10.89 5.18
CA VAL B 169 18.19 11.58 4.08
C VAL B 169 18.98 11.46 2.78
N VAL B 170 20.24 11.91 2.80
CA VAL B 170 21.08 11.91 1.60
C VAL B 170 21.30 10.50 1.04
N LYS B 171 21.70 9.57 1.88
CA LYS B 171 22.06 8.24 1.39
C LYS B 171 20.86 7.33 1.20
N ASP B 172 20.04 7.21 2.22
CA ASP B 172 18.99 6.20 2.23
C ASP B 172 17.63 6.75 1.84
N GLY B 173 17.63 7.99 1.36
CA GLY B 173 16.41 8.64 0.91
C GLY B 173 15.32 8.71 1.96
N MET B 174 15.69 8.95 3.21
CA MET B 174 14.70 9.12 4.26
C MET B 174 13.94 10.39 3.91
N ASP B 175 12.65 10.42 4.25
CA ASP B 175 11.84 11.58 3.94
C ASP B 175 12.28 12.75 4.83
N ILE B 176 12.36 13.93 4.26
CA ILE B 176 12.94 15.10 4.93
C ILE B 176 12.11 15.53 6.14
N THR B 177 10.82 15.18 6.13
CA THR B 177 9.92 15.54 7.22
C THR B 177 10.36 14.95 8.57
N PHE B 178 11.02 13.80 8.54
CA PHE B 178 11.51 13.18 9.77
C PHE B 178 12.61 14.01 10.44
N MET B 179 13.13 15.00 9.71
CA MET B 179 14.17 15.86 10.26
C MET B 179 13.59 17.05 11.00
N ARG B 180 12.27 17.23 10.92
CA ARG B 180 11.61 18.37 11.56
C ARG B 180 11.90 18.43 13.06
N LYS B 181 11.88 17.27 13.70
CA LYS B 181 12.10 17.19 15.14
C LYS B 181 13.52 17.61 15.57
N VAL B 182 14.54 17.12 14.87
CA VAL B 182 15.92 17.38 15.28
C VAL B 182 16.29 18.84 15.02
N LEU B 183 15.56 19.48 14.12
CA LEU B 183 15.86 20.85 13.71
C LEU B 183 15.18 21.88 14.61
N LYS B 184 14.50 21.39 15.65
CA LYS B 184 13.89 22.28 16.63
C LYS B 184 14.55 22.17 18.00
N GLN B 185 15.43 21.18 18.16
CA GLN B 185 16.06 20.95 19.44
C GLN B 185 17.11 22.01 19.74
N ARG B 186 17.43 22.15 21.01
CA ARG B 186 18.42 23.13 21.44
C ARG B 186 19.78 22.45 21.53
N TYR B 187 20.83 23.25 21.65
CA TYR B 187 22.19 22.75 21.81
C TYR B 187 22.76 23.47 23.02
N GLY B 188 22.69 22.82 24.18
CA GLY B 188 22.99 23.49 25.42
C GLY B 188 21.93 24.54 25.68
N THR B 189 22.31 25.81 25.63
CA THR B 189 21.37 26.90 25.80
C THR B 189 21.01 27.55 24.45
N LYS B 190 21.79 27.22 23.42
CA LYS B 190 21.53 27.75 22.09
C LYS B 190 20.22 27.23 21.51
N THR B 191 19.49 28.10 20.83
CA THR B 191 18.29 27.71 20.12
C THR B 191 18.67 27.23 18.71
N ALA B 192 17.71 26.65 18.00
CA ALA B 192 17.98 26.10 16.67
C ALA B 192 18.42 27.20 15.72
N ASP B 193 17.72 28.34 15.79
CA ASP B 193 18.05 29.51 14.98
C ASP B 193 19.46 30.01 15.27
N ASP B 194 19.97 29.71 16.46
CA ASP B 194 21.33 30.12 16.83
C ASP B 194 22.34 29.12 16.28
N TRP B 195 22.23 27.85 16.67
CA TRP B 195 23.27 26.88 16.30
C TRP B 195 23.29 26.52 14.81
N MET B 196 22.20 26.79 14.09
CA MET B 196 22.23 26.55 12.64
C MET B 196 23.21 27.50 11.94
N ILE B 197 23.48 28.63 12.58
CA ILE B 197 24.42 29.62 12.05
C ILE B 197 25.77 29.53 12.79
N SER B 198 25.71 29.30 14.10
CA SER B 198 26.89 29.42 14.96
C SER B 198 27.72 28.15 15.18
N GLU B 199 27.19 26.98 14.84
CA GLU B 199 27.87 25.73 15.19
C GLU B 199 28.19 24.83 14.01
N VAL B 200 28.33 25.41 12.83
CA VAL B 200 28.55 24.64 11.60
C VAL B 200 29.87 23.86 11.65
N THR B 201 30.86 24.37 12.39
CA THR B 201 32.14 23.67 12.49
C THR B 201 31.93 22.30 13.14
N ALA B 202 31.29 22.30 14.30
CA ALA B 202 31.01 21.08 15.03
C ALA B 202 30.12 20.14 14.21
N ILE B 203 29.10 20.71 13.57
CA ILE B 203 28.16 19.94 12.75
C ILE B 203 28.86 19.24 11.58
N GLN B 204 29.73 19.98 10.88
CA GLN B 204 30.49 19.45 9.76
C GLN B 204 31.45 18.36 10.21
N SER B 205 32.03 18.56 11.39
CA SER B 205 32.90 17.55 11.97
C SER B 205 32.09 16.27 12.21
N ALA B 206 30.94 16.42 12.83
CA ALA B 206 30.04 15.30 13.09
C ALA B 206 29.65 14.57 11.81
N VAL B 207 29.29 15.34 10.79
CA VAL B 207 28.92 14.81 9.48
C VAL B 207 30.06 13.99 8.88
N LYS B 208 31.29 14.49 9.00
CA LYS B 208 32.46 13.77 8.49
C LYS B 208 32.65 12.44 9.21
N VAL B 209 32.61 12.51 10.54
CA VAL B 209 32.72 11.32 11.40
C VAL B 209 31.71 10.25 10.99
N VAL B 210 30.45 10.65 10.90
CA VAL B 210 29.37 9.74 10.51
C VAL B 210 29.60 9.21 9.10
N ALA B 211 30.18 10.05 8.25
CA ALA B 211 30.46 9.69 6.86
C ALA B 211 31.52 8.60 6.74
N LYS B 212 32.42 8.54 7.73
CA LYS B 212 33.47 7.50 7.71
C LYS B 212 32.95 6.08 7.98
N LEU B 213 31.69 5.96 8.42
CA LEU B 213 31.09 4.66 8.76
C LEU B 213 30.78 3.78 7.55
N PRO B 214 30.80 2.44 7.75
CA PRO B 214 30.47 1.43 6.74
C PRO B 214 29.06 1.59 6.19
N TRP B 215 28.10 1.85 7.07
CA TRP B 215 26.71 2.09 6.69
C TRP B 215 26.06 0.86 6.05
N ALA B 216 25.72 0.98 4.76
CA ALA B 216 25.05 -0.11 4.04
C ALA B 216 25.94 -1.32 3.80
N LYS B 217 27.24 -1.14 3.99
CA LYS B 217 28.22 -2.20 3.77
C LYS B 217 28.38 -3.12 4.99
N ALA B 218 27.45 -3.01 5.94
CA ALA B 218 27.57 -3.71 7.23
C ALA B 218 26.79 -5.02 7.25
N GLY B 219 27.49 -6.10 7.58
CA GLY B 219 26.92 -7.43 7.60
C GLY B 219 27.50 -8.33 6.52
N PHE B 220 28.40 -7.77 5.72
CA PHE B 220 29.08 -8.53 4.68
C PHE B 220 30.57 -8.67 4.98
N THR B 221 31.10 -9.87 4.78
CA THR B 221 32.53 -10.13 4.94
C THR B 221 33.25 -9.47 3.79
N ALA B 222 34.58 -9.33 3.87
CA ALA B 222 35.32 -8.75 2.76
C ALA B 222 35.26 -9.65 1.54
N ALA B 223 35.31 -10.95 1.77
CA ALA B 223 35.22 -11.95 0.71
C ALA B 223 33.87 -11.83 -0.02
N ALA B 224 32.82 -11.61 0.75
CA ALA B 224 31.48 -11.46 0.20
C ALA B 224 31.45 -10.26 -0.73
N LYS B 225 32.12 -9.22 -0.30
CA LYS B 225 32.15 -7.94 -0.98
C LYS B 225 32.93 -8.04 -2.29
N ASN B 226 33.98 -8.87 -2.28
CA ASN B 226 34.75 -9.15 -3.49
C ASN B 226 33.95 -9.93 -4.51
N PHE B 227 33.28 -10.95 -4.00
CA PHE B 227 32.50 -11.84 -4.83
C PHE B 227 31.40 -11.04 -5.49
N LEU B 228 30.70 -10.26 -4.67
CA LEU B 228 29.58 -9.44 -5.15
C LEU B 228 30.06 -8.36 -6.11
N ALA B 229 31.26 -7.84 -5.87
CA ALA B 229 31.84 -6.84 -6.76
C ALA B 229 32.05 -7.46 -8.13
N LYS B 230 32.46 -8.73 -8.15
CA LYS B 230 32.69 -9.45 -9.41
C LYS B 230 31.43 -9.60 -10.30
N PHE B 231 30.25 -9.34 -9.74
CA PHE B 231 29.01 -9.45 -10.50
C PHE B 231 28.27 -8.12 -10.67
N ASN B 232 29.03 -7.05 -10.77
CA ASN B 232 28.52 -5.70 -11.03
C ASN B 232 27.48 -5.29 -9.98
N ILE B 233 27.66 -5.81 -8.76
CA ILE B 233 26.82 -5.41 -7.64
C ILE B 233 27.74 -4.87 -6.56
N SER B 234 27.64 -3.57 -6.36
CA SER B 234 28.41 -2.88 -5.33
C SER B 234 27.59 -2.88 -4.06
N VAL B 235 28.06 -3.66 -3.09
CA VAL B 235 27.48 -3.69 -1.75
C VAL B 235 27.25 -2.29 -1.19
N PRO C 5 1.85 -5.27 35.28
CA PRO C 5 2.34 -4.63 34.06
C PRO C 5 1.64 -5.16 32.82
N ASP C 6 1.35 -4.28 31.86
CA ASP C 6 0.58 -4.66 30.68
C ASP C 6 1.44 -5.52 29.75
N PHE C 7 2.60 -4.99 29.39
CA PHE C 7 3.57 -5.73 28.57
C PHE C 7 4.86 -5.85 29.38
N ILE C 8 5.60 -6.92 29.14
CA ILE C 8 6.84 -7.18 29.86
C ILE C 8 7.87 -7.79 28.90
N TYR C 9 9.13 -7.39 29.06
CA TYR C 9 10.14 -7.67 28.06
C TYR C 9 11.37 -8.29 28.73
N ASP C 10 12.08 -9.14 28.01
CA ASP C 10 13.13 -9.96 28.61
C ASP C 10 14.40 -9.96 27.79
N ASP C 11 15.43 -10.54 28.37
CA ASP C 11 16.82 -10.29 28.06
C ASP C 11 17.33 -10.51 26.63
N ARG C 12 16.77 -11.44 25.89
CA ARG C 12 17.21 -11.58 24.52
C ARG C 12 18.71 -11.81 24.43
N PRO C 13 19.17 -12.92 25.15
CA PRO C 13 20.63 -13.09 25.09
C PRO C 13 21.11 -13.34 23.68
N ALA C 14 22.44 -13.28 23.50
CA ALA C 14 23.21 -12.59 22.48
C ALA C 14 23.07 -12.84 20.96
N ALA C 15 22.81 -14.03 20.42
CA ALA C 15 22.97 -15.36 20.97
C ALA C 15 23.80 -16.03 19.89
N VAL C 16 24.48 -17.12 20.25
CA VAL C 16 25.59 -17.65 19.46
C VAL C 16 25.27 -18.12 18.04
N SER C 17 26.28 -18.00 17.18
CA SER C 17 26.20 -18.25 15.75
C SER C 17 25.86 -19.70 15.39
N SER C 18 25.16 -19.85 14.26
CA SER C 18 24.46 -21.07 13.94
C SER C 18 25.33 -22.28 13.77
N THR C 19 24.88 -23.38 14.34
CA THR C 19 25.50 -24.66 14.21
C THR C 19 24.57 -25.53 13.38
N PHE C 20 23.68 -24.88 12.64
CA PHE C 20 22.60 -25.61 11.99
C PHE C 20 23.09 -26.27 10.71
N ASN C 21 22.82 -27.57 10.56
CA ASN C 21 23.22 -28.28 9.35
C ASN C 21 22.00 -28.83 8.59
N PRO C 22 21.71 -28.24 7.42
CA PRO C 22 20.55 -28.55 6.56
C PRO C 22 20.52 -29.99 6.09
N GLU C 23 21.69 -30.61 5.86
CA GLU C 23 21.71 -32.01 5.46
C GLU C 23 21.16 -32.87 6.59
N LYS C 24 21.60 -32.55 7.81
CA LYS C 24 21.19 -33.26 9.02
C LYS C 24 19.71 -33.02 9.32
N GLY C 25 19.33 -31.75 9.26
CA GLY C 25 17.95 -31.34 9.47
C GLY C 25 17.03 -32.03 8.49
N TYR C 26 17.49 -32.14 7.25
CA TYR C 26 16.74 -32.76 6.17
C TYR C 26 16.57 -34.24 6.47
N MET C 27 17.66 -34.89 6.87
CA MET C 27 17.59 -36.32 7.20
C MET C 27 16.60 -36.59 8.33
N ASP C 28 16.64 -35.73 9.36
CA ASP C 28 15.70 -35.85 10.48
C ASP C 28 14.28 -35.70 9.97
N PHE C 29 14.07 -34.69 9.13
CA PHE C 29 12.75 -34.36 8.61
C PHE C 29 12.16 -35.48 7.77
N ILE C 30 12.96 -36.07 6.88
CA ILE C 30 12.52 -37.18 6.04
C ILE C 30 12.26 -38.42 6.91
N THR C 31 13.09 -38.62 7.93
CA THR C 31 12.90 -39.77 8.80
C THR C 31 11.57 -39.64 9.55
N ALA C 32 11.24 -38.41 9.95
CA ALA C 32 10.04 -38.18 10.76
C ALA C 32 8.73 -38.04 9.98
N TYR C 33 8.79 -37.53 8.75
CA TYR C 33 7.57 -37.19 8.01
C TYR C 33 7.53 -37.80 6.60
N GLY C 34 8.61 -38.48 6.22
CA GLY C 34 8.78 -38.95 4.85
C GLY C 34 7.71 -39.89 4.36
N LYS C 35 7.06 -40.57 5.30
CA LYS C 35 6.00 -41.50 4.94
C LYS C 35 4.79 -40.74 4.40
N ASN C 36 4.68 -39.47 4.80
CA ASN C 36 3.54 -38.65 4.42
C ASN C 36 3.87 -37.55 3.41
N ILE C 37 5.05 -37.62 2.79
CA ILE C 37 5.41 -36.68 1.73
C ILE C 37 5.10 -37.26 0.34
N ASN C 38 4.27 -36.57 -0.42
CA ASN C 38 4.00 -36.96 -1.80
C ASN C 38 3.80 -35.71 -2.66
N ALA C 39 3.74 -35.88 -3.98
CA ALA C 39 3.68 -34.75 -4.90
C ALA C 39 2.46 -33.85 -4.67
N ASP C 40 1.36 -34.46 -4.24
CA ASP C 40 0.13 -33.72 -3.96
C ASP C 40 0.33 -32.74 -2.80
N ASN C 41 0.80 -33.27 -1.67
CA ASN C 41 1.01 -32.47 -0.47
C ASN C 41 2.03 -31.36 -0.72
N VAL C 42 3.04 -31.66 -1.54
CA VAL C 42 4.08 -30.70 -1.87
C VAL C 42 3.50 -29.57 -2.74
N ARG C 43 2.68 -29.95 -3.72
CA ARG C 43 1.97 -28.96 -4.55
C ARG C 43 1.16 -28.02 -3.69
N ILE C 44 0.36 -28.61 -2.81
CA ILE C 44 -0.48 -27.85 -1.90
C ILE C 44 0.36 -26.91 -1.05
N PHE C 45 1.48 -27.42 -0.54
CA PHE C 45 2.36 -26.59 0.27
C PHE C 45 2.82 -25.36 -0.50
N PHE C 46 3.38 -25.60 -1.68
CA PHE C 46 3.96 -24.51 -2.46
C PHE C 46 2.89 -23.51 -2.89
N LEU C 47 1.65 -23.98 -3.03
CA LEU C 47 0.54 -23.10 -3.36
C LEU C 47 0.02 -22.33 -2.14
N ASN C 48 0.33 -22.85 -0.95
CA ASN C 48 -0.18 -22.23 0.27
C ASN C 48 0.90 -21.67 1.20
N HIS C 49 2.13 -21.51 0.69
CA HIS C 49 3.21 -20.99 1.54
C HIS C 49 2.89 -19.60 2.07
N LYS C 50 2.58 -18.68 1.16
CA LYS C 50 2.27 -17.30 1.53
C LYS C 50 1.12 -17.18 2.54
N LYS C 51 0.05 -17.93 2.29
CA LYS C 51 -1.09 -17.95 3.18
C LYS C 51 -0.77 -18.54 4.56
N ALA C 52 -0.02 -19.65 4.57
CA ALA C 52 0.37 -20.28 5.83
C ALA C 52 1.24 -19.31 6.63
N LYS C 53 2.02 -18.54 5.89
CA LYS C 53 2.92 -17.53 6.42
C LYS C 53 2.09 -16.46 7.13
N ASP C 54 1.10 -15.95 6.40
CA ASP C 54 0.20 -14.93 6.97
C ASP C 54 -0.55 -15.43 8.19
N SER C 55 -1.02 -16.68 8.11
CA SER C 55 -1.73 -17.28 9.22
C SER C 55 -0.82 -17.36 10.43
N LEU C 56 0.45 -17.65 10.18
CA LEU C 56 1.47 -17.70 11.24
C LEU C 56 1.81 -16.36 11.86
N LYS C 57 1.96 -15.32 11.05
CA LYS C 57 2.17 -13.97 11.58
C LYS C 57 0.91 -13.56 12.35
N GLY C 58 -0.22 -14.19 12.06
CA GLY C 58 -1.43 -13.91 12.82
C GLY C 58 -1.56 -14.70 14.11
N SER C 59 -0.98 -15.90 14.16
CA SER C 59 -1.14 -16.76 15.34
C SER C 59 -0.13 -16.39 16.42
N PRO C 60 -0.52 -16.52 17.70
CA PRO C 60 0.35 -16.18 18.83
C PRO C 60 1.07 -17.41 19.38
N LYS C 61 0.65 -18.58 18.92
CA LYS C 61 1.15 -19.84 19.45
C LYS C 61 2.64 -19.98 19.18
N VAL C 62 3.32 -20.75 20.03
CA VAL C 62 4.76 -20.94 19.92
C VAL C 62 5.05 -22.10 18.97
N GLU C 63 4.28 -23.17 19.12
CA GLU C 63 4.37 -24.32 18.23
C GLU C 63 3.03 -24.49 17.54
N VAL C 64 3.05 -24.43 16.21
CA VAL C 64 1.83 -24.48 15.41
C VAL C 64 1.77 -25.76 14.59
N ASP C 65 0.63 -26.43 14.58
CA ASP C 65 0.50 -27.66 13.80
C ASP C 65 -0.16 -27.31 12.47
N LEU C 66 0.59 -27.47 11.38
CA LEU C 66 0.08 -27.13 10.05
C LEU C 66 -0.23 -28.41 9.31
N GLN C 67 -1.22 -28.36 8.42
CA GLN C 67 -1.54 -29.53 7.62
C GLN C 67 -1.65 -29.15 6.14
N PHE C 68 -0.79 -29.71 5.30
CA PHE C 68 -0.90 -29.48 3.89
C PHE C 68 -1.20 -30.81 3.26
N GLY C 69 -2.36 -30.95 2.64
CA GLY C 69 -2.82 -32.24 2.18
C GLY C 69 -2.94 -33.17 3.36
N THR C 70 -2.28 -34.30 3.28
CA THR C 70 -2.21 -35.24 4.38
C THR C 70 -0.97 -35.08 5.23
N LEU C 71 -0.16 -34.10 4.91
CA LEU C 71 1.10 -33.89 5.60
C LEU C 71 0.85 -32.97 6.78
N ARG C 72 0.91 -33.53 7.98
CA ARG C 72 0.70 -32.75 9.19
C ARG C 72 2.05 -32.61 9.87
N VAL C 73 2.47 -31.35 10.04
CA VAL C 73 3.81 -31.07 10.48
C VAL C 73 3.76 -30.02 11.63
N LYS C 74 4.51 -30.28 12.70
CA LYS C 74 4.60 -29.34 13.82
C LYS C 74 5.74 -28.35 13.60
N VAL C 75 5.39 -27.07 13.51
CA VAL C 75 6.29 -26.02 13.04
C VAL C 75 6.50 -24.95 14.09
N VAL C 76 7.75 -24.52 14.26
CA VAL C 76 8.07 -23.44 15.17
C VAL C 76 7.65 -22.12 14.54
N ASN C 77 6.87 -21.33 15.28
CA ASN C 77 6.45 -20.02 14.79
C ASN C 77 7.44 -18.95 15.20
N ASN C 78 8.06 -18.32 14.21
CA ASN C 78 8.99 -17.22 14.41
C ASN C 78 8.55 -16.07 13.52
N HIS C 79 7.24 -15.95 13.38
CA HIS C 79 6.60 -15.02 12.46
C HIS C 79 5.86 -13.86 13.13
N ASN C 80 5.58 -14.00 14.42
CA ASN C 80 4.95 -12.91 15.14
C ASN C 80 6.01 -11.98 15.69
N PRO C 81 5.83 -10.68 15.43
CA PRO C 81 6.73 -9.63 15.92
C PRO C 81 6.95 -9.75 17.42
N ARG C 82 5.98 -10.31 18.13
CA ARG C 82 6.16 -10.61 19.54
C ARG C 82 7.12 -11.78 19.79
N ASN C 83 6.95 -12.88 19.05
CA ASN C 83 7.84 -14.04 19.19
C ASN C 83 8.86 -14.36 18.07
N ARG C 84 9.19 -13.39 17.24
CA ARG C 84 10.02 -13.67 16.09
C ARG C 84 11.42 -14.14 16.54
N ASP C 85 11.67 -14.07 17.85
CA ASP C 85 12.98 -14.40 18.41
C ASP C 85 13.01 -15.56 19.42
N ASN C 86 11.98 -16.39 19.41
CA ASN C 86 11.92 -17.59 20.25
C ASN C 86 12.93 -18.66 19.81
N PRO C 87 13.29 -19.61 20.78
CA PRO C 87 14.39 -20.50 20.35
C PRO C 87 14.08 -21.38 19.16
N VAL C 88 15.00 -21.46 18.20
CA VAL C 88 14.84 -22.45 17.16
C VAL C 88 15.95 -23.50 17.23
N ALA C 89 15.59 -24.71 17.67
CA ALA C 89 16.57 -25.79 17.74
C ALA C 89 16.94 -26.19 16.33
N ASP C 90 18.10 -26.82 16.15
CA ASP C 90 18.55 -27.19 14.80
C ASP C 90 17.70 -28.33 14.22
N ASN C 91 16.94 -29.00 15.09
CA ASN C 91 16.04 -30.06 14.65
C ASN C 91 14.63 -29.52 14.54
N ALA C 92 14.47 -28.23 14.81
CA ALA C 92 13.16 -27.59 14.72
C ALA C 92 12.91 -27.20 13.28
N ILE C 93 11.64 -27.17 12.88
CA ILE C 93 11.29 -26.81 11.52
C ILE C 93 10.47 -25.52 11.44
N THR C 94 10.90 -24.61 10.57
CA THR C 94 10.15 -23.40 10.29
C THR C 94 9.59 -23.54 8.88
N LEU C 95 8.76 -22.57 8.47
CA LEU C 95 8.16 -22.60 7.14
C LEU C 95 9.22 -22.56 6.05
N HIS C 96 10.25 -21.75 6.28
CA HIS C 96 11.34 -21.58 5.33
C HIS C 96 12.08 -22.89 5.16
N ARG C 97 12.42 -23.51 6.30
CA ARG C 97 13.11 -24.78 6.30
C ARG C 97 12.27 -25.88 5.67
N LEU C 98 10.97 -25.86 5.94
CA LEU C 98 10.06 -26.85 5.41
C LEU C 98 10.02 -26.73 3.89
N SER C 99 9.99 -25.49 3.39
CA SER C 99 9.97 -25.22 1.96
C SER C 99 11.26 -25.73 1.31
N GLY C 100 12.39 -25.44 1.94
CA GLY C 100 13.66 -25.92 1.44
C GLY C 100 13.75 -27.44 1.40
N TYR C 101 13.32 -28.08 2.48
CA TYR C 101 13.33 -29.53 2.60
C TYR C 101 12.48 -30.17 1.54
N LEU C 102 11.32 -29.57 1.26
CA LEU C 102 10.41 -30.10 0.27
C LEU C 102 10.92 -29.90 -1.16
N ALA C 103 11.65 -28.80 -1.38
CA ALA C 103 12.29 -28.59 -2.66
C ALA C 103 13.33 -29.69 -2.89
N LYS C 104 14.10 -29.96 -1.84
CA LYS C 104 15.12 -30.99 -1.88
C LYS C 104 14.49 -32.37 -2.11
N TRP C 105 13.35 -32.58 -1.46
CA TRP C 105 12.58 -33.80 -1.61
C TRP C 105 12.19 -33.99 -3.06
N CYS C 106 11.67 -32.93 -3.67
CA CYS C 106 11.33 -32.95 -5.09
C CYS C 106 12.53 -33.33 -5.93
N PHE C 107 13.69 -32.77 -5.59
CA PHE C 107 14.92 -33.08 -6.32
C PHE C 107 15.31 -34.56 -6.29
N ASP C 108 15.24 -35.14 -5.09
CA ASP C 108 15.64 -36.54 -4.94
C ASP C 108 14.60 -37.47 -5.55
N GLU C 109 13.33 -37.13 -5.35
CA GLU C 109 12.21 -37.89 -5.88
C GLU C 109 12.29 -37.93 -7.39
N ILE C 110 12.61 -36.78 -7.98
CA ILE C 110 12.81 -36.70 -9.43
C ILE C 110 13.98 -37.60 -9.81
N ASP C 111 15.00 -37.68 -8.96
CA ASP C 111 16.13 -38.54 -9.30
C ASP C 111 15.82 -40.04 -9.17
N HIS C 112 14.77 -40.38 -8.44
CA HIS C 112 14.39 -41.79 -8.29
C HIS C 112 14.05 -42.50 -9.59
N GLY C 113 13.60 -41.76 -10.60
CA GLY C 113 13.20 -42.40 -11.84
C GLY C 113 12.25 -41.62 -12.73
N GLN C 114 11.85 -42.27 -13.83
CA GLN C 114 11.15 -41.63 -14.92
C GLN C 114 9.72 -41.24 -14.51
N ILE C 115 9.07 -42.14 -13.79
CA ILE C 115 7.66 -41.99 -13.41
C ILE C 115 7.48 -40.95 -12.32
N GLU C 116 8.34 -41.00 -11.30
CA GLU C 116 8.30 -40.08 -10.18
C GLU C 116 8.54 -38.66 -10.68
N GLU C 117 9.51 -38.53 -11.58
CA GLU C 117 9.80 -37.27 -12.22
C GLU C 117 8.55 -36.75 -12.93
N ALA C 118 7.85 -37.63 -13.64
CA ALA C 118 6.65 -37.18 -14.34
C ALA C 118 5.57 -36.72 -13.35
N GLU C 119 5.42 -37.44 -12.24
CA GLU C 119 4.42 -37.12 -11.23
C GLU C 119 4.68 -35.75 -10.59
N VAL C 120 5.93 -35.55 -10.19
CA VAL C 120 6.36 -34.29 -9.58
C VAL C 120 6.18 -33.13 -10.55
N LYS C 121 6.68 -33.30 -11.77
CA LYS C 121 6.63 -32.24 -12.77
C LYS C 121 5.20 -31.90 -13.20
N SER C 122 4.31 -32.88 -13.08
CA SER C 122 2.94 -32.69 -13.52
C SER C 122 2.12 -32.05 -12.40
N LYS C 123 2.55 -32.25 -11.16
CA LYS C 123 1.77 -31.75 -10.03
C LYS C 123 2.36 -30.54 -9.30
N VAL C 124 3.67 -30.49 -9.16
CA VAL C 124 4.30 -29.45 -8.34
C VAL C 124 4.45 -28.12 -9.07
N VAL C 125 3.95 -27.05 -8.46
CA VAL C 125 4.09 -25.71 -9.03
C VAL C 125 4.77 -24.77 -8.05
N ILE C 126 5.80 -24.08 -8.51
CA ILE C 126 6.48 -23.07 -7.70
C ILE C 126 6.16 -21.70 -8.29
N PRO C 127 5.27 -20.96 -7.62
CA PRO C 127 4.68 -19.69 -8.09
C PRO C 127 5.71 -18.63 -8.43
N LEU C 128 6.77 -18.57 -7.63
CA LEU C 128 7.83 -17.59 -7.82
C LEU C 128 8.62 -17.88 -9.10
N ALA C 129 8.61 -19.14 -9.53
CA ALA C 129 9.31 -19.54 -10.74
C ALA C 129 8.47 -19.15 -11.95
N GLU C 130 7.17 -19.40 -11.85
CA GLU C 130 6.26 -19.10 -12.93
C GLU C 130 6.11 -17.59 -13.11
N ALA C 131 6.30 -16.85 -12.01
CA ALA C 131 6.23 -15.39 -12.05
C ALA C 131 7.34 -14.81 -12.91
N LYS C 132 8.39 -15.60 -13.14
CA LYS C 132 9.49 -15.16 -14.00
C LYS C 132 9.53 -16.02 -15.25
N GLY C 133 8.47 -16.79 -15.46
CA GLY C 133 8.28 -17.56 -16.68
C GLY C 133 9.15 -18.78 -16.80
N CYS C 134 9.63 -19.29 -15.66
CA CYS C 134 10.39 -20.53 -15.67
C CYS C 134 9.44 -21.71 -15.57
N LYS C 135 9.69 -22.73 -16.38
CA LYS C 135 8.92 -23.96 -16.34
C LYS C 135 9.88 -25.11 -16.08
N TRP C 136 9.32 -26.29 -15.80
CA TRP C 136 10.13 -27.48 -15.52
C TRP C 136 11.07 -27.80 -16.66
N GLY C 137 10.63 -27.52 -17.89
CA GLY C 137 11.41 -27.81 -19.07
C GLY C 137 12.70 -27.01 -19.11
N ASP C 138 12.70 -25.88 -18.45
CA ASP C 138 13.86 -25.02 -18.30
C ASP C 138 14.96 -25.70 -17.51
N GLY C 139 14.56 -26.53 -16.56
CA GLY C 139 15.52 -27.30 -15.80
C GLY C 139 15.04 -27.53 -14.41
N VAL C 140 15.32 -28.70 -13.89
CA VAL C 140 14.87 -29.08 -12.57
C VAL C 140 15.52 -28.26 -11.48
N ALA C 141 16.82 -28.11 -11.55
CA ALA C 141 17.55 -27.38 -10.55
C ALA C 141 17.14 -25.91 -10.58
N LEU C 142 17.00 -25.38 -11.76
CA LEU C 142 16.60 -23.98 -11.91
C LEU C 142 15.19 -23.73 -11.40
N TYR C 143 14.23 -24.55 -11.82
CA TYR C 143 12.83 -24.37 -11.42
C TYR C 143 12.69 -24.50 -9.91
N LEU C 144 13.35 -25.50 -9.33
CA LEU C 144 13.26 -25.75 -7.89
C LEU C 144 14.04 -24.71 -7.08
N ALA C 145 14.99 -24.06 -7.73
CA ALA C 145 15.81 -23.06 -7.07
C ALA C 145 14.98 -21.85 -6.65
N PHE C 146 13.84 -21.67 -7.27
CA PHE C 146 12.95 -20.56 -6.97
C PHE C 146 12.23 -20.77 -5.63
N ALA C 147 12.21 -22.01 -5.17
CA ALA C 147 11.57 -22.33 -3.90
C ALA C 147 12.33 -21.66 -2.77
N PRO C 148 11.60 -21.03 -1.85
CA PRO C 148 12.22 -20.46 -0.65
C PRO C 148 12.90 -21.57 0.14
N GLY C 149 14.10 -21.32 0.67
CA GLY C 149 14.81 -22.32 1.43
C GLY C 149 15.77 -23.12 0.57
N ALA C 150 15.66 -22.96 -0.75
CA ALA C 150 16.50 -23.71 -1.68
C ALA C 150 17.99 -23.37 -1.52
N GLU C 151 18.26 -22.20 -0.94
CA GLU C 151 19.65 -21.78 -0.70
C GLU C 151 20.36 -22.71 0.29
N MET C 152 19.58 -23.52 1.00
CA MET C 152 20.12 -24.50 1.94
C MET C 152 20.78 -25.66 1.17
N PHE C 153 20.54 -25.73 -0.13
CA PHE C 153 21.10 -26.82 -0.93
C PHE C 153 21.71 -26.32 -2.24
N LEU C 154 22.75 -25.48 -2.11
CA LEU C 154 23.41 -24.84 -3.24
C LEU C 154 24.02 -25.83 -4.21
N LYS C 155 24.55 -26.93 -3.69
CA LYS C 155 25.22 -27.92 -4.53
C LYS C 155 24.22 -28.66 -5.41
N ASP C 156 23.17 -29.17 -4.78
CA ASP C 156 22.10 -29.87 -5.49
C ASP C 156 21.42 -28.96 -6.53
N PHE C 157 21.30 -27.69 -6.21
CA PHE C 157 20.63 -26.73 -7.10
C PHE C 157 21.60 -25.88 -7.91
N GLU C 158 22.87 -26.25 -7.90
CA GLU C 158 23.83 -25.67 -8.83
C GLU C 158 23.98 -24.16 -8.76
N PHE C 159 23.92 -23.62 -7.55
CA PHE C 159 24.15 -22.19 -7.29
C PHE C 159 23.05 -21.40 -7.95
N TYR C 160 21.97 -22.06 -8.31
CA TYR C 160 20.84 -21.40 -8.92
C TYR C 160 20.09 -20.43 -8.02
N PRO C 161 19.94 -20.75 -6.76
CA PRO C 161 19.30 -19.79 -5.86
C PRO C 161 20.10 -18.48 -5.77
N LEU C 162 21.43 -18.63 -5.73
CA LEU C 162 22.34 -17.50 -5.68
C LEU C 162 22.20 -16.62 -6.93
N ALA C 163 22.25 -17.25 -8.10
CA ALA C 163 22.13 -16.55 -9.37
C ALA C 163 20.78 -15.82 -9.47
N ILE C 164 19.73 -16.47 -8.97
CA ILE C 164 18.40 -15.88 -8.95
C ILE C 164 18.41 -14.62 -8.09
N ASP C 165 19.03 -14.71 -6.91
CA ASP C 165 19.15 -13.54 -6.04
C ASP C 165 19.92 -12.40 -6.73
N ILE C 166 21.03 -12.74 -7.37
CA ILE C 166 21.83 -11.78 -8.13
C ILE C 166 21.00 -11.09 -9.21
N GLN C 167 20.22 -11.88 -9.95
CA GLN C 167 19.42 -11.35 -11.04
C GLN C 167 18.32 -10.45 -10.51
N ARG C 168 17.85 -10.77 -9.32
CA ARG C 168 16.85 -9.95 -8.65
C ARG C 168 17.41 -8.62 -8.16
N VAL C 169 18.65 -8.61 -7.67
CA VAL C 169 19.31 -7.37 -7.29
C VAL C 169 19.54 -6.51 -8.52
N VAL C 170 20.20 -7.09 -9.52
CA VAL C 170 20.57 -6.39 -10.74
C VAL C 170 19.36 -5.87 -11.52
N LYS C 171 18.41 -6.75 -11.80
CA LYS C 171 17.24 -6.40 -12.61
C LYS C 171 16.12 -5.75 -11.80
N ASP C 172 15.72 -6.39 -10.70
CA ASP C 172 14.52 -5.94 -9.99
C ASP C 172 14.84 -5.07 -8.79
N GLY C 173 16.11 -4.67 -8.65
CA GLY C 173 16.52 -3.77 -7.59
C GLY C 173 16.16 -4.28 -6.21
N MET C 174 16.28 -5.59 -6.00
CA MET C 174 16.01 -6.18 -4.70
C MET C 174 17.01 -5.60 -3.73
N ASP C 175 16.63 -5.45 -2.47
CA ASP C 175 17.56 -4.90 -1.50
C ASP C 175 18.66 -5.93 -1.29
N ILE C 176 19.90 -5.44 -1.26
CA ILE C 176 21.08 -6.29 -1.26
C ILE C 176 21.21 -7.10 0.04
N THR C 177 20.65 -6.57 1.13
CA THR C 177 20.73 -7.22 2.44
C THR C 177 20.08 -8.60 2.44
N PHE C 178 19.07 -8.78 1.60
CA PHE C 178 18.36 -10.06 1.52
C PHE C 178 19.29 -11.16 1.00
N MET C 179 20.45 -10.77 0.50
CA MET C 179 21.41 -11.72 -0.01
C MET C 179 22.33 -12.26 1.07
N ARG C 180 22.30 -11.66 2.26
CA ARG C 180 23.21 -12.06 3.34
C ARG C 180 23.03 -13.53 3.74
N LYS C 181 21.80 -14.04 3.75
CA LYS C 181 21.57 -15.42 4.16
C LYS C 181 22.25 -16.44 3.22
N VAL C 182 22.14 -16.23 1.91
CA VAL C 182 22.67 -17.18 0.94
C VAL C 182 24.20 -17.14 0.94
N LEU C 183 24.75 -16.05 1.45
CA LEU C 183 26.20 -15.82 1.42
C LEU C 183 26.92 -16.45 2.61
N LYS C 184 26.16 -17.17 3.43
CA LYS C 184 26.72 -17.97 4.51
C LYS C 184 26.51 -19.45 4.19
N GLN C 185 25.73 -19.73 3.16
CA GLN C 185 25.41 -21.13 2.88
C GLN C 185 26.63 -21.84 2.35
N ARG C 186 26.65 -23.15 2.53
CA ARG C 186 27.77 -23.96 2.11
C ARG C 186 27.50 -24.54 0.74
N TYR C 187 28.55 -25.07 0.12
CA TYR C 187 28.44 -25.70 -1.17
C TYR C 187 29.11 -27.05 -1.06
N GLY C 188 28.32 -28.09 -0.83
CA GLY C 188 28.89 -29.38 -0.49
C GLY C 188 29.55 -29.23 0.86
N THR C 189 30.88 -29.32 0.89
CA THR C 189 31.64 -29.12 2.12
C THR C 189 32.30 -27.74 2.16
N LYS C 190 32.34 -27.04 1.02
CA LYS C 190 32.97 -25.73 0.96
C LYS C 190 32.25 -24.68 1.80
N THR C 191 33.02 -23.82 2.46
CA THR C 191 32.49 -22.69 3.20
C THR C 191 32.33 -21.53 2.21
N ALA C 192 31.62 -20.48 2.60
CA ALA C 192 31.35 -19.35 1.71
C ALA C 192 32.63 -18.66 1.28
N ASP C 193 33.54 -18.46 2.24
CA ASP C 193 34.82 -17.83 1.94
C ASP C 193 35.62 -18.65 0.94
N ASP C 194 35.33 -19.95 0.89
CA ASP C 194 35.98 -20.87 -0.04
C ASP C 194 35.32 -20.81 -1.41
N TRP C 195 34.02 -21.12 -1.48
CA TRP C 195 33.36 -21.25 -2.78
C TRP C 195 33.18 -19.91 -3.49
N MET C 196 33.22 -18.82 -2.73
CA MET C 196 33.17 -17.47 -3.31
C MET C 196 34.45 -17.20 -4.10
N ILE C 197 35.49 -17.97 -3.79
CA ILE C 197 36.78 -17.83 -4.48
C ILE C 197 36.98 -18.92 -5.53
N SER C 198 36.57 -20.15 -5.22
CA SER C 198 36.90 -21.30 -6.05
C SER C 198 35.84 -21.65 -7.11
N GLU C 199 34.64 -21.09 -6.98
CA GLU C 199 33.52 -21.52 -7.82
C GLU C 199 32.86 -20.39 -8.61
N VAL C 200 33.58 -19.31 -8.89
CA VAL C 200 32.99 -18.13 -9.51
C VAL C 200 32.49 -18.39 -10.94
N THR C 201 33.18 -19.28 -11.66
CA THR C 201 32.86 -19.60 -13.06
C THR C 201 31.48 -20.25 -13.21
N ALA C 202 31.24 -21.30 -12.44
CA ALA C 202 29.97 -22.00 -12.47
C ALA C 202 28.85 -21.03 -12.11
N ILE C 203 29.14 -20.16 -11.14
CA ILE C 203 28.19 -19.14 -10.71
C ILE C 203 27.83 -18.22 -11.88
N GLN C 204 28.82 -17.83 -12.69
CA GLN C 204 28.51 -17.02 -13.87
C GLN C 204 27.68 -17.80 -14.89
N SER C 205 27.94 -19.11 -15.01
CA SER C 205 27.14 -19.93 -15.90
C SER C 205 25.68 -19.85 -15.47
N ALA C 206 25.46 -20.07 -14.18
CA ALA C 206 24.13 -19.99 -13.58
C ALA C 206 23.47 -18.63 -13.82
N VAL C 207 24.23 -17.56 -13.60
CA VAL C 207 23.74 -16.19 -13.80
C VAL C 207 23.28 -15.95 -15.24
N LYS C 208 24.06 -16.42 -16.21
CA LYS C 208 23.68 -16.28 -17.62
C LYS C 208 22.37 -17.05 -17.89
N VAL C 209 22.33 -18.28 -17.38
CA VAL C 209 21.13 -19.11 -17.48
C VAL C 209 19.89 -18.37 -17.00
N VAL C 210 19.95 -17.83 -15.78
CA VAL C 210 18.84 -17.09 -15.20
C VAL C 210 18.52 -15.83 -16.01
N ALA C 211 19.55 -15.21 -16.58
CA ALA C 211 19.39 -13.99 -17.34
C ALA C 211 18.61 -14.19 -18.63
N LYS C 212 18.71 -15.40 -19.20
CA LYS C 212 17.96 -15.71 -20.41
C LYS C 212 16.45 -15.84 -20.19
N LEU C 213 16.00 -15.83 -18.93
CA LEU C 213 14.59 -16.01 -18.62
C LEU C 213 13.78 -14.81 -19.07
N PRO C 214 12.52 -15.03 -19.37
CA PRO C 214 11.62 -13.95 -19.78
C PRO C 214 11.44 -12.92 -18.68
N TRP C 215 11.25 -13.37 -17.46
CA TRP C 215 11.24 -12.47 -16.33
C TRP C 215 10.19 -11.37 -16.49
N ALA C 216 9.10 -11.70 -17.15
CA ALA C 216 8.14 -10.67 -17.57
C ALA C 216 6.88 -10.54 -16.73
N LYS C 217 6.82 -11.25 -15.61
CA LYS C 217 5.59 -11.46 -14.85
C LYS C 217 4.80 -12.57 -15.54
N ALA C 218 5.45 -13.14 -16.56
CA ALA C 218 4.83 -13.92 -17.62
C ALA C 218 4.25 -15.21 -17.08
N GLY C 219 3.51 -15.93 -17.89
CA GLY C 219 3.83 -16.15 -19.28
C GLY C 219 3.36 -15.21 -20.36
N PHE C 220 4.33 -14.57 -20.98
CA PHE C 220 4.16 -13.93 -22.25
C PHE C 220 5.16 -14.52 -23.20
N THR C 221 4.65 -14.93 -24.35
CA THR C 221 5.43 -15.49 -25.43
C THR C 221 6.36 -14.49 -26.09
N ALA C 222 7.56 -14.96 -26.48
CA ALA C 222 8.51 -14.09 -27.16
C ALA C 222 7.75 -13.31 -28.22
N ALA C 223 6.83 -14.00 -28.88
CA ALA C 223 5.96 -13.39 -29.87
C ALA C 223 5.13 -12.32 -29.18
N ALA C 224 4.70 -12.61 -27.95
CA ALA C 224 3.92 -11.66 -27.15
C ALA C 224 4.73 -10.41 -26.82
N LYS C 225 6.00 -10.59 -26.43
CA LYS C 225 6.83 -9.46 -26.06
C LYS C 225 7.17 -8.63 -27.29
N ASN C 226 7.32 -9.29 -28.42
CA ASN C 226 7.59 -8.62 -29.69
C ASN C 226 6.38 -7.78 -30.10
N PHE C 227 5.21 -8.40 -29.96
CA PHE C 227 3.95 -7.76 -30.31
C PHE C 227 3.72 -6.53 -29.45
N LEU C 228 3.88 -6.69 -28.14
CA LEU C 228 3.69 -5.59 -27.20
C LEU C 228 4.77 -4.52 -27.41
N ALA C 229 5.96 -4.95 -27.81
CA ALA C 229 7.06 -4.03 -28.07
C ALA C 229 6.64 -3.11 -29.21
N LYS C 230 5.93 -3.65 -30.19
CA LYS C 230 5.44 -2.80 -31.28
C LYS C 230 4.48 -1.71 -30.83
N PHE C 231 3.97 -1.81 -29.61
CA PHE C 231 3.05 -0.80 -29.11
C PHE C 231 3.61 -0.03 -27.92
N ASN C 232 4.93 0.14 -27.92
CA ASN C 232 5.63 0.95 -26.92
C ASN C 232 5.38 0.43 -25.49
N ILE C 233 5.32 -0.90 -25.34
CA ILE C 233 5.13 -1.48 -24.02
C ILE C 233 6.27 -2.40 -23.61
N SER C 234 6.94 -2.00 -22.53
CA SER C 234 8.01 -2.77 -21.93
C SER C 234 7.38 -3.75 -20.98
N VAL C 235 7.57 -5.04 -21.29
CA VAL C 235 7.12 -6.17 -20.48
C VAL C 235 5.70 -6.00 -19.97
N SER D 2 -9.59 -32.47 19.52
CA SER D 2 -8.24 -32.69 20.02
C SER D 2 -7.39 -33.35 18.95
N THR D 3 -6.08 -33.21 19.08
CA THR D 3 -5.14 -33.73 18.09
C THR D 3 -5.46 -33.12 16.74
N GLY D 4 -5.89 -31.87 16.78
CA GLY D 4 -6.34 -31.21 15.57
C GLY D 4 -5.41 -30.12 15.11
N PRO D 5 -5.05 -30.15 13.84
CA PRO D 5 -4.13 -29.17 13.28
C PRO D 5 -4.66 -27.76 13.45
N ASP D 6 -3.76 -26.82 13.71
CA ASP D 6 -4.13 -25.45 13.99
C ASP D 6 -4.61 -24.81 12.70
N PHE D 7 -3.85 -25.03 11.63
CA PHE D 7 -4.27 -24.62 10.30
C PHE D 7 -4.30 -25.86 9.39
N ILE D 8 -5.11 -25.81 8.34
CA ILE D 8 -5.29 -26.92 7.41
C ILE D 8 -5.39 -26.38 5.99
N TYR D 9 -4.77 -27.07 5.03
CA TYR D 9 -4.59 -26.51 3.70
C TYR D 9 -5.02 -27.50 2.63
N ASP D 10 -5.50 -26.99 1.50
CA ASP D 10 -6.10 -27.81 0.46
C ASP D 10 -5.64 -27.27 -0.90
N ASP D 11 -5.81 -28.09 -1.93
CA ASP D 11 -5.22 -27.90 -3.25
C ASP D 11 -6.08 -27.03 -4.17
N ARG D 12 -5.46 -26.49 -5.22
CA ARG D 12 -6.12 -25.58 -6.16
C ARG D 12 -5.64 -26.05 -7.53
N PRO D 13 -6.10 -27.23 -7.98
CA PRO D 13 -5.47 -27.91 -9.13
C PRO D 13 -5.60 -27.20 -10.48
N ALA D 14 -6.51 -26.23 -10.57
CA ALA D 14 -6.90 -25.61 -11.83
C ALA D 14 -5.84 -24.66 -12.42
N ALA D 15 -5.65 -24.73 -13.73
CA ALA D 15 -6.49 -25.57 -14.58
C ALA D 15 -5.66 -26.46 -15.49
N VAL D 16 -6.11 -27.70 -15.69
CA VAL D 16 -5.38 -28.65 -16.50
C VAL D 16 -5.22 -28.27 -17.96
N SER D 17 -6.32 -27.98 -18.65
CA SER D 17 -6.21 -27.72 -20.09
C SER D 17 -6.82 -26.41 -20.55
N SER D 18 -7.75 -25.89 -19.77
CA SER D 18 -8.45 -24.70 -20.19
C SER D 18 -8.98 -24.88 -21.61
N THR D 19 -9.75 -25.94 -21.82
CA THR D 19 -10.36 -26.16 -23.11
C THR D 19 -11.67 -25.39 -23.24
N PHE D 20 -11.65 -24.09 -22.95
CA PHE D 20 -12.88 -23.31 -22.96
C PHE D 20 -13.03 -22.55 -24.26
N ASN D 21 -14.19 -22.67 -24.89
CA ASN D 21 -14.44 -22.01 -26.16
C ASN D 21 -15.58 -21.02 -26.04
N PRO D 22 -15.25 -19.72 -26.17
CA PRO D 22 -16.20 -18.61 -25.98
C PRO D 22 -17.37 -18.67 -26.95
N GLU D 23 -17.14 -19.09 -28.18
CA GLU D 23 -18.23 -19.20 -29.14
C GLU D 23 -19.23 -20.27 -28.69
N LYS D 24 -18.70 -21.40 -28.22
CA LYS D 24 -19.54 -22.50 -27.75
C LYS D 24 -20.28 -22.10 -26.50
N GLY D 25 -19.55 -21.48 -25.57
CA GLY D 25 -20.12 -21.02 -24.33
C GLY D 25 -21.27 -20.07 -24.60
N TYR D 26 -21.07 -19.19 -25.58
CA TYR D 26 -22.09 -18.21 -25.94
C TYR D 26 -23.31 -18.90 -26.54
N MET D 27 -23.07 -19.82 -27.49
CA MET D 27 -24.18 -20.52 -28.14
C MET D 27 -25.03 -21.32 -27.16
N ASP D 28 -24.34 -22.03 -26.25
CA ASP D 28 -25.00 -22.82 -25.21
C ASP D 28 -25.81 -21.89 -24.32
N PHE D 29 -25.18 -20.77 -23.96
CA PHE D 29 -25.78 -19.79 -23.06
C PHE D 29 -27.07 -19.23 -23.66
N ILE D 30 -27.02 -18.93 -24.95
CA ILE D 30 -28.17 -18.40 -25.68
C ILE D 30 -29.27 -19.46 -25.79
N THR D 31 -28.89 -20.71 -25.97
CA THR D 31 -29.89 -21.78 -26.05
C THR D 31 -30.59 -21.92 -24.69
N ALA D 32 -29.83 -21.74 -23.61
CA ALA D 32 -30.33 -21.94 -22.26
C ALA D 32 -31.11 -20.76 -21.66
N TYR D 33 -30.77 -19.53 -22.06
CA TYR D 33 -31.35 -18.34 -21.43
C TYR D 33 -31.94 -17.33 -22.41
N GLY D 34 -31.88 -17.62 -23.70
CA GLY D 34 -32.23 -16.65 -24.73
C GLY D 34 -33.65 -16.10 -24.68
N LYS D 35 -34.56 -16.87 -24.09
CA LYS D 35 -35.97 -16.47 -24.02
C LYS D 35 -36.17 -15.27 -23.10
N ASN D 36 -35.30 -15.15 -22.10
CA ASN D 36 -35.45 -14.10 -21.10
C ASN D 36 -34.39 -13.01 -21.19
N ILE D 37 -33.66 -12.99 -22.30
CA ILE D 37 -32.69 -11.91 -22.54
C ILE D 37 -33.35 -10.80 -23.35
N ASN D 38 -33.36 -9.60 -22.77
CA ASN D 38 -33.87 -8.42 -23.46
C ASN D 38 -33.03 -7.20 -23.06
N ALA D 39 -33.22 -6.09 -23.74
CA ALA D 39 -32.42 -4.89 -23.53
C ALA D 39 -32.50 -4.36 -22.09
N ASP D 40 -33.67 -4.50 -21.48
CA ASP D 40 -33.89 -4.04 -20.11
C ASP D 40 -32.98 -4.80 -19.15
N ASN D 41 -33.06 -6.13 -19.22
CA ASN D 41 -32.29 -7.02 -18.36
C ASN D 41 -30.80 -6.80 -18.54
N VAL D 42 -30.39 -6.55 -19.77
CA VAL D 42 -28.98 -6.34 -20.10
C VAL D 42 -28.48 -5.01 -19.52
N ARG D 43 -29.28 -3.96 -19.67
CA ARG D 43 -28.96 -2.67 -19.08
C ARG D 43 -28.74 -2.85 -17.57
N ILE D 44 -29.69 -3.55 -16.95
CA ILE D 44 -29.61 -3.82 -15.52
C ILE D 44 -28.32 -4.57 -15.18
N PHE D 45 -27.97 -5.58 -15.97
CA PHE D 45 -26.74 -6.33 -15.71
C PHE D 45 -25.52 -5.43 -15.73
N PHE D 46 -25.36 -4.69 -16.82
CA PHE D 46 -24.16 -3.86 -16.99
C PHE D 46 -24.08 -2.80 -15.91
N LEU D 47 -25.23 -2.39 -15.39
CA LEU D 47 -25.26 -1.41 -14.31
C LEU D 47 -25.01 -2.03 -12.93
N ASN D 48 -25.21 -3.33 -12.80
CA ASN D 48 -25.07 -3.98 -11.50
C ASN D 48 -23.96 -5.03 -11.43
N HIS D 49 -23.09 -5.04 -12.44
CA HIS D 49 -21.99 -6.00 -12.49
C HIS D 49 -21.04 -5.90 -11.30
N LYS D 50 -20.50 -4.71 -11.06
CA LYS D 50 -19.57 -4.49 -9.94
C LYS D 50 -20.18 -4.91 -8.60
N LYS D 51 -21.43 -4.50 -8.38
CA LYS D 51 -22.13 -4.83 -7.14
C LYS D 51 -22.31 -6.34 -7.00
N ALA D 52 -22.70 -7.00 -8.08
CA ALA D 52 -22.88 -8.45 -8.08
C ALA D 52 -21.55 -9.14 -7.78
N LYS D 53 -20.48 -8.53 -8.27
CA LYS D 53 -19.13 -9.03 -8.09
C LYS D 53 -18.74 -9.02 -6.62
N ASP D 54 -18.89 -7.86 -5.98
CA ASP D 54 -18.60 -7.74 -4.55
C ASP D 54 -19.51 -8.66 -3.74
N SER D 55 -20.76 -8.77 -4.16
CA SER D 55 -21.71 -9.64 -3.49
C SER D 55 -21.21 -11.07 -3.54
N LEU D 56 -20.61 -11.45 -4.66
CA LEU D 56 -19.99 -12.77 -4.80
C LEU D 56 -18.73 -12.99 -3.96
N LYS D 57 -17.87 -11.97 -3.90
CA LYS D 57 -16.69 -12.06 -3.05
C LYS D 57 -17.08 -12.18 -1.59
N GLY D 58 -18.28 -11.71 -1.25
CA GLY D 58 -18.77 -11.84 0.10
C GLY D 58 -19.44 -13.17 0.39
N SER D 59 -20.06 -13.78 -0.62
CA SER D 59 -20.85 -14.99 -0.42
C SER D 59 -20.00 -16.26 -0.39
N PRO D 60 -20.43 -17.26 0.39
CA PRO D 60 -19.73 -18.55 0.52
C PRO D 60 -20.27 -19.66 -0.39
N LYS D 61 -21.44 -19.49 -1.00
CA LYS D 61 -22.03 -20.56 -1.80
C LYS D 61 -21.19 -20.91 -3.03
N VAL D 62 -21.38 -22.13 -3.52
CA VAL D 62 -20.60 -22.64 -4.66
C VAL D 62 -21.21 -22.22 -5.99
N GLU D 63 -22.53 -22.35 -6.10
CA GLU D 63 -23.25 -21.86 -7.26
C GLU D 63 -24.31 -20.88 -6.80
N VAL D 64 -24.28 -19.67 -7.31
CA VAL D 64 -25.20 -18.63 -6.87
C VAL D 64 -26.18 -18.33 -8.00
N ASP D 65 -27.45 -18.26 -7.67
CA ASP D 65 -28.47 -17.96 -8.67
C ASP D 65 -28.80 -16.48 -8.56
N LEU D 66 -28.46 -15.74 -9.60
CA LEU D 66 -28.61 -14.29 -9.62
C LEU D 66 -29.76 -13.89 -10.54
N GLN D 67 -30.40 -12.76 -10.24
CA GLN D 67 -31.50 -12.30 -11.08
C GLN D 67 -31.38 -10.83 -11.49
N PHE D 68 -31.37 -10.55 -12.77
CA PHE D 68 -31.37 -9.19 -13.26
C PHE D 68 -32.66 -8.98 -14.00
N GLY D 69 -33.51 -8.08 -13.53
CA GLY D 69 -34.80 -7.93 -14.15
C GLY D 69 -35.50 -9.26 -14.08
N THR D 70 -35.92 -9.74 -15.23
CA THR D 70 -36.48 -11.07 -15.36
C THR D 70 -35.47 -12.14 -15.74
N LEU D 71 -34.22 -11.74 -15.89
CA LEU D 71 -33.18 -12.66 -16.33
C LEU D 71 -32.58 -13.34 -15.12
N ARG D 72 -32.84 -14.64 -15.03
CA ARG D 72 -32.35 -15.44 -13.94
C ARG D 72 -31.28 -16.43 -14.39
N VAL D 73 -30.09 -16.32 -13.82
CA VAL D 73 -28.94 -17.10 -14.26
C VAL D 73 -28.23 -17.78 -13.10
N LYS D 74 -27.96 -19.08 -13.25
CA LYS D 74 -27.20 -19.83 -12.26
C LYS D 74 -25.72 -19.72 -12.63
N VAL D 75 -24.95 -19.08 -11.76
CA VAL D 75 -23.57 -18.68 -12.06
C VAL D 75 -22.60 -19.26 -11.03
N VAL D 76 -21.45 -19.74 -11.50
CA VAL D 76 -20.41 -20.25 -10.61
C VAL D 76 -19.68 -19.10 -9.90
N ASN D 77 -19.55 -19.22 -8.58
CA ASN D 77 -18.85 -18.23 -7.75
C ASN D 77 -17.36 -18.54 -7.64
N ASN D 78 -16.52 -17.60 -8.07
CA ASN D 78 -15.06 -17.75 -7.96
C ASN D 78 -14.35 -16.55 -7.32
N HIS D 79 -15.08 -15.85 -6.47
CA HIS D 79 -14.58 -14.61 -5.94
C HIS D 79 -14.05 -14.72 -4.52
N ASN D 80 -14.75 -15.42 -3.64
CA ASN D 80 -14.12 -15.69 -2.36
C ASN D 80 -13.07 -16.76 -2.54
N PRO D 81 -12.05 -16.75 -1.57
CA PRO D 81 -11.02 -17.77 -1.83
C PRO D 81 -11.49 -19.22 -1.78
N ARG D 82 -12.34 -19.60 -0.83
CA ARG D 82 -12.62 -21.02 -0.66
C ARG D 82 -13.29 -21.69 -1.86
N ASN D 83 -14.31 -21.06 -2.42
CA ASN D 83 -15.10 -21.66 -3.50
C ASN D 83 -14.40 -21.91 -4.82
N ARG D 84 -13.57 -20.96 -5.21
CA ARG D 84 -12.85 -20.93 -6.49
C ARG D 84 -11.82 -22.05 -6.52
N ASP D 85 -11.58 -22.63 -5.36
CA ASP D 85 -10.71 -23.76 -5.25
C ASP D 85 -11.30 -24.82 -6.16
N ASN D 86 -12.62 -24.82 -6.32
CA ASN D 86 -13.24 -25.67 -7.32
C ASN D 86 -13.06 -25.09 -8.71
N PRO D 87 -12.37 -25.94 -9.58
CA PRO D 87 -12.20 -25.37 -10.93
C PRO D 87 -13.47 -25.28 -11.74
N VAL D 88 -13.48 -24.37 -12.70
CA VAL D 88 -14.68 -23.85 -13.34
C VAL D 88 -14.83 -24.44 -14.74
N ALA D 89 -15.85 -25.28 -14.90
CA ALA D 89 -16.12 -26.00 -16.15
C ALA D 89 -16.43 -25.07 -17.32
N ASP D 90 -16.28 -25.62 -18.53
CA ASP D 90 -16.47 -24.85 -19.76
C ASP D 90 -17.93 -24.48 -20.02
N ASN D 91 -18.85 -25.19 -19.36
CA ASN D 91 -20.27 -24.92 -19.48
C ASN D 91 -20.75 -24.08 -18.31
N ALA D 92 -19.82 -23.72 -17.43
CA ALA D 92 -20.16 -22.93 -16.27
C ALA D 92 -20.20 -21.46 -16.67
N ILE D 93 -21.01 -20.68 -15.98
CA ILE D 93 -21.12 -19.25 -16.29
C ILE D 93 -20.62 -18.42 -15.12
N THR D 94 -19.66 -17.53 -15.41
CA THR D 94 -19.17 -16.59 -14.43
C THR D 94 -19.64 -15.20 -14.81
N LEU D 95 -19.38 -14.23 -13.94
CA LEU D 95 -19.74 -12.85 -14.19
C LEU D 95 -19.01 -12.30 -15.41
N HIS D 96 -17.74 -12.67 -15.54
CA HIS D 96 -16.92 -12.21 -16.65
C HIS D 96 -17.47 -12.76 -17.96
N ARG D 97 -17.73 -14.06 -17.97
CA ARG D 97 -18.27 -14.74 -19.15
C ARG D 97 -19.65 -14.22 -19.50
N LEU D 98 -20.46 -13.99 -18.49
CA LEU D 98 -21.81 -13.47 -18.69
C LEU D 98 -21.76 -12.06 -19.28
N SER D 99 -20.83 -11.25 -18.80
CA SER D 99 -20.67 -9.88 -19.29
C SER D 99 -20.28 -9.93 -20.76
N GLY D 100 -19.33 -10.80 -21.10
CA GLY D 100 -18.94 -10.97 -22.48
C GLY D 100 -20.09 -11.44 -23.37
N TYR D 101 -20.82 -12.44 -22.89
CA TYR D 101 -21.95 -13.03 -23.63
C TYR D 101 -23.02 -11.99 -23.90
N LEU D 102 -23.28 -11.15 -22.91
CA LEU D 102 -24.31 -10.12 -23.04
C LEU D 102 -23.85 -8.99 -23.97
N ALA D 103 -22.54 -8.73 -23.98
CA ALA D 103 -21.98 -7.77 -24.91
C ALA D 103 -22.20 -8.26 -26.33
N LYS D 104 -21.88 -9.54 -26.57
CA LYS D 104 -22.07 -10.12 -27.89
C LYS D 104 -23.55 -10.16 -28.25
N TRP D 105 -24.40 -10.39 -27.25
CA TRP D 105 -25.84 -10.39 -27.46
C TRP D 105 -26.30 -9.04 -27.98
N CYS D 106 -25.85 -7.97 -27.34
CA CYS D 106 -26.18 -6.64 -27.81
C CYS D 106 -25.70 -6.48 -29.24
N PHE D 107 -24.51 -7.00 -29.52
CA PHE D 107 -23.92 -6.89 -30.85
C PHE D 107 -24.78 -7.53 -31.96
N ASP D 108 -25.31 -8.72 -31.70
CA ASP D 108 -26.13 -9.42 -32.70
C ASP D 108 -27.56 -8.84 -32.79
N GLU D 109 -28.11 -8.53 -31.62
CA GLU D 109 -29.46 -7.98 -31.52
C GLU D 109 -29.56 -6.68 -32.29
N ILE D 110 -28.53 -5.85 -32.18
CA ILE D 110 -28.49 -4.60 -32.93
C ILE D 110 -28.55 -4.87 -34.43
N ASP D 111 -27.91 -5.96 -34.85
CA ASP D 111 -27.89 -6.32 -36.28
C ASP D 111 -29.24 -6.88 -36.72
N HIS D 112 -30.06 -7.29 -35.76
CA HIS D 112 -31.41 -7.79 -36.10
C HIS D 112 -32.27 -6.78 -36.86
N GLY D 113 -32.02 -5.49 -36.67
CA GLY D 113 -32.83 -4.48 -37.31
C GLY D 113 -32.83 -3.11 -36.64
N GLN D 114 -33.63 -2.20 -37.20
CA GLN D 114 -33.61 -0.80 -36.83
C GLN D 114 -34.25 -0.58 -35.44
N ILE D 115 -35.32 -1.34 -35.16
CA ILE D 115 -36.06 -1.18 -33.91
C ILE D 115 -35.22 -1.75 -32.76
N GLU D 116 -34.64 -2.93 -32.97
CA GLU D 116 -33.76 -3.53 -31.95
C GLU D 116 -32.54 -2.65 -31.73
N GLU D 117 -31.98 -2.11 -32.82
CA GLU D 117 -30.87 -1.18 -32.73
C GLU D 117 -31.22 0.01 -31.86
N ALA D 118 -32.41 0.56 -32.09
CA ALA D 118 -32.86 1.72 -31.32
C ALA D 118 -33.03 1.38 -29.85
N GLU D 119 -33.61 0.21 -29.57
CA GLU D 119 -33.85 -0.20 -28.19
C GLU D 119 -32.55 -0.43 -27.42
N VAL D 120 -31.64 -1.19 -28.02
CA VAL D 120 -30.36 -1.48 -27.40
C VAL D 120 -29.59 -0.19 -27.16
N LYS D 121 -29.49 0.65 -28.19
CA LYS D 121 -28.73 1.89 -28.07
C LYS D 121 -29.35 2.89 -27.10
N SER D 122 -30.66 2.83 -26.91
CA SER D 122 -31.35 3.79 -26.05
C SER D 122 -31.33 3.31 -24.60
N LYS D 123 -31.22 2.00 -24.41
CA LYS D 123 -31.28 1.43 -23.06
C LYS D 123 -29.95 0.91 -22.53
N VAL D 124 -29.12 0.32 -23.38
CA VAL D 124 -27.91 -0.31 -22.87
C VAL D 124 -26.81 0.71 -22.59
N VAL D 125 -26.29 0.71 -21.36
CA VAL D 125 -25.20 1.59 -20.98
C VAL D 125 -24.02 0.81 -20.41
N ILE D 126 -22.83 1.04 -20.94
CA ILE D 126 -21.60 0.45 -20.41
C ILE D 126 -20.76 1.57 -19.79
N PRO D 127 -20.73 1.62 -18.45
CA PRO D 127 -20.11 2.70 -17.67
C PRO D 127 -18.63 2.86 -18.00
N LEU D 128 -17.94 1.76 -18.24
CA LEU D 128 -16.51 1.77 -18.53
C LEU D 128 -16.23 2.47 -19.86
N ALA D 129 -17.22 2.45 -20.76
CA ALA D 129 -17.09 3.09 -22.06
C ALA D 129 -17.35 4.58 -21.90
N GLU D 130 -18.37 4.91 -21.11
CA GLU D 130 -18.77 6.30 -20.90
C GLU D 130 -17.73 7.07 -20.11
N ALA D 131 -16.99 6.37 -19.26
CA ALA D 131 -15.94 6.98 -18.46
C ALA D 131 -14.81 7.54 -19.31
N LYS D 132 -14.73 7.08 -20.56
CA LYS D 132 -13.71 7.57 -21.49
C LYS D 132 -14.41 8.38 -22.58
N GLY D 133 -15.68 8.68 -22.37
CA GLY D 133 -16.41 9.55 -23.28
C GLY D 133 -16.79 8.86 -24.58
N CYS D 134 -16.85 7.54 -24.55
CA CYS D 134 -17.30 6.79 -25.71
C CYS D 134 -18.82 6.69 -25.68
N LYS D 135 -19.44 6.92 -26.83
CA LYS D 135 -20.88 6.75 -26.97
C LYS D 135 -21.17 5.72 -28.05
N TRP D 136 -22.43 5.32 -28.16
CA TRP D 136 -22.84 4.37 -29.19
C TRP D 136 -22.49 4.92 -30.56
N GLY D 137 -22.57 6.24 -30.70
CA GLY D 137 -22.31 6.92 -31.95
C GLY D 137 -20.89 6.74 -32.45
N ASP D 138 -19.99 6.47 -31.52
CA ASP D 138 -18.61 6.19 -31.79
C ASP D 138 -18.46 4.91 -32.61
N GLY D 139 -19.35 3.95 -32.38
CA GLY D 139 -19.46 2.76 -33.16
C GLY D 139 -19.84 1.64 -32.24
N VAL D 140 -20.51 0.63 -32.78
CA VAL D 140 -21.04 -0.47 -31.97
C VAL D 140 -19.99 -1.37 -31.38
N ALA D 141 -19.05 -1.77 -32.20
CA ALA D 141 -17.97 -2.64 -31.76
C ALA D 141 -17.09 -1.97 -30.71
N LEU D 142 -16.73 -0.72 -30.98
CA LEU D 142 -15.88 0.06 -30.08
C LEU D 142 -16.54 0.26 -28.72
N TYR D 143 -17.80 0.70 -28.74
CA TYR D 143 -18.54 0.94 -27.49
C TYR D 143 -18.68 -0.33 -26.68
N LEU D 144 -19.01 -1.42 -27.36
CA LEU D 144 -19.24 -2.69 -26.68
C LEU D 144 -17.95 -3.34 -26.18
N ALA D 145 -16.82 -2.95 -26.78
CA ALA D 145 -15.54 -3.52 -26.41
C ALA D 145 -15.12 -3.21 -24.97
N PHE D 146 -15.70 -2.16 -24.39
CA PHE D 146 -15.37 -1.78 -23.02
C PHE D 146 -15.97 -2.73 -21.99
N ALA D 147 -16.96 -3.52 -22.43
CA ALA D 147 -17.59 -4.48 -21.53
C ALA D 147 -16.57 -5.55 -21.14
N PRO D 148 -16.52 -5.89 -19.86
CA PRO D 148 -15.67 -6.99 -19.41
C PRO D 148 -16.05 -8.28 -20.12
N GLY D 149 -15.07 -9.06 -20.55
CA GLY D 149 -15.36 -10.31 -21.22
C GLY D 149 -15.43 -10.16 -22.73
N ALA D 150 -15.46 -8.91 -23.20
CA ALA D 150 -15.58 -8.64 -24.63
C ALA D 150 -14.38 -9.17 -25.41
N GLU D 151 -13.26 -9.36 -24.71
CA GLU D 151 -12.03 -9.88 -25.32
C GLU D 151 -12.24 -11.31 -25.82
N MET D 152 -13.32 -11.94 -25.37
CA MET D 152 -13.67 -13.29 -25.80
C MET D 152 -14.12 -13.30 -27.26
N PHE D 153 -14.42 -12.11 -27.80
CA PHE D 153 -14.90 -12.01 -29.17
C PHE D 153 -14.15 -10.92 -29.92
N LEU D 154 -12.84 -11.11 -30.05
CA LEU D 154 -11.93 -10.13 -30.64
C LEU D 154 -12.28 -9.74 -32.08
N LYS D 155 -12.76 -10.71 -32.85
CA LYS D 155 -13.06 -10.48 -34.26
C LYS D 155 -14.31 -9.62 -34.43
N ASP D 156 -15.38 -10.00 -33.75
CA ASP D 156 -16.64 -9.25 -33.80
C ASP D 156 -16.43 -7.80 -33.36
N PHE D 157 -15.55 -7.61 -32.39
CA PHE D 157 -15.30 -6.28 -31.85
C PHE D 157 -14.03 -5.67 -32.45
N GLU D 158 -13.52 -6.27 -33.51
CA GLU D 158 -12.49 -5.65 -34.33
C GLU D 158 -11.23 -5.26 -33.60
N PHE D 159 -10.87 -6.08 -32.64
CA PHE D 159 -9.64 -5.94 -31.91
C PHE D 159 -9.71 -4.83 -30.86
N TYR D 160 -10.88 -4.23 -30.71
CA TYR D 160 -11.09 -3.10 -29.84
C TYR D 160 -10.84 -3.37 -28.39
N PRO D 161 -11.22 -4.53 -27.89
CA PRO D 161 -10.91 -4.78 -26.48
C PRO D 161 -9.40 -4.75 -26.24
N LEU D 162 -8.66 -5.34 -27.17
CA LEU D 162 -7.20 -5.36 -27.10
C LEU D 162 -6.62 -3.95 -27.16
N ALA D 163 -7.07 -3.16 -28.13
CA ALA D 163 -6.60 -1.78 -28.29
C ALA D 163 -6.87 -0.96 -27.04
N ILE D 164 -8.04 -1.17 -26.44
CA ILE D 164 -8.42 -0.48 -25.22
C ILE D 164 -7.49 -0.87 -24.09
N ASP D 165 -7.21 -2.17 -23.94
CA ASP D 165 -6.28 -2.64 -22.91
C ASP D 165 -4.90 -2.00 -23.07
N ILE D 166 -4.41 -1.99 -24.32
CA ILE D 166 -3.13 -1.37 -24.65
C ILE D 166 -3.11 0.08 -24.21
N GLN D 167 -4.20 0.80 -24.51
CA GLN D 167 -4.27 2.22 -24.16
C GLN D 167 -4.37 2.46 -22.66
N ARG D 168 -4.96 1.50 -21.96
CA ARG D 168 -5.07 1.60 -20.51
C ARG D 168 -3.69 1.41 -19.89
N VAL D 169 -2.89 0.54 -20.51
CA VAL D 169 -1.49 0.39 -20.08
C VAL D 169 -0.70 1.68 -20.35
N VAL D 170 -0.71 2.14 -21.61
CA VAL D 170 0.07 3.32 -22.00
C VAL D 170 -0.33 4.60 -21.25
N LYS D 171 -1.62 4.93 -21.26
CA LYS D 171 -2.10 6.17 -20.66
C LYS D 171 -2.40 6.06 -19.16
N ASP D 172 -3.17 5.05 -18.79
CA ASP D 172 -3.73 4.98 -17.44
C ASP D 172 -2.90 4.09 -16.51
N GLY D 173 -1.71 3.71 -16.98
CA GLY D 173 -0.77 2.94 -16.17
C GLY D 173 -1.33 1.66 -15.58
N MET D 174 -2.17 0.98 -16.34
CA MET D 174 -2.73 -0.30 -15.91
C MET D 174 -1.61 -1.34 -15.81
N ASP D 175 -1.73 -2.27 -14.88
CA ASP D 175 -0.74 -3.33 -14.71
C ASP D 175 -0.83 -4.28 -15.91
N ILE D 176 0.32 -4.75 -16.38
CA ILE D 176 0.41 -5.50 -17.62
C ILE D 176 -0.33 -6.84 -17.52
N THR D 177 -0.46 -7.33 -16.29
CA THR D 177 -1.08 -8.64 -16.04
C THR D 177 -2.52 -8.70 -16.56
N PHE D 178 -3.20 -7.55 -16.49
CA PHE D 178 -4.60 -7.46 -16.89
C PHE D 178 -4.77 -7.69 -18.38
N MET D 179 -3.66 -7.65 -19.12
CA MET D 179 -3.71 -7.88 -20.55
C MET D 179 -3.55 -9.35 -20.93
N ARG D 180 -3.14 -10.17 -19.99
CA ARG D 180 -2.85 -11.54 -20.28
C ARG D 180 -4.06 -12.24 -20.83
N LYS D 181 -5.22 -11.91 -20.32
CA LYS D 181 -6.48 -12.52 -20.70
C LYS D 181 -6.70 -12.29 -22.19
N VAL D 182 -6.47 -11.07 -22.65
CA VAL D 182 -6.74 -10.76 -24.05
C VAL D 182 -5.65 -11.38 -24.94
N LEU D 183 -4.49 -11.69 -24.37
CA LEU D 183 -3.36 -12.14 -25.20
C LEU D 183 -3.26 -13.64 -25.49
N LYS D 184 -4.23 -14.43 -25.01
CA LYS D 184 -4.24 -15.83 -25.40
C LYS D 184 -5.51 -16.05 -26.23
N GLN D 185 -6.33 -15.01 -26.32
CA GLN D 185 -7.59 -15.14 -27.04
C GLN D 185 -7.36 -15.23 -28.53
N ARG D 186 -8.33 -15.79 -29.24
CA ARG D 186 -8.21 -15.96 -30.68
C ARG D 186 -8.84 -14.80 -31.44
N TYR D 187 -8.55 -14.75 -32.72
CA TYR D 187 -9.13 -13.76 -33.61
C TYR D 187 -9.72 -14.50 -34.80
N GLY D 188 -11.02 -14.77 -34.74
CA GLY D 188 -11.64 -15.65 -35.71
C GLY D 188 -11.12 -17.05 -35.54
N THR D 189 -10.37 -17.53 -36.52
CA THR D 189 -9.78 -18.85 -36.46
C THR D 189 -8.30 -18.78 -36.10
N LYS D 190 -7.73 -17.58 -36.20
CA LYS D 190 -6.32 -17.39 -35.86
C LYS D 190 -6.04 -17.57 -34.37
N THR D 191 -4.92 -18.21 -34.06
CA THR D 191 -4.47 -18.33 -32.68
C THR D 191 -3.67 -17.09 -32.33
N ALA D 192 -3.33 -16.91 -31.06
CA ALA D 192 -2.63 -15.72 -30.60
C ALA D 192 -1.29 -15.60 -31.31
N ASP D 193 -0.60 -16.74 -31.41
CA ASP D 193 0.68 -16.83 -32.08
C ASP D 193 0.56 -16.47 -33.55
N ASP D 194 -0.65 -16.60 -34.10
CA ASP D 194 -0.90 -16.24 -35.50
C ASP D 194 -1.17 -14.74 -35.64
N TRP D 195 -2.21 -14.25 -34.97
CA TRP D 195 -2.63 -12.86 -35.16
C TRP D 195 -1.69 -11.82 -34.55
N MET D 196 -0.84 -12.23 -33.61
CA MET D 196 0.15 -11.32 -33.06
C MET D 196 1.22 -10.93 -34.09
N ILE D 197 1.41 -11.79 -35.08
CA ILE D 197 2.38 -11.54 -36.15
C ILE D 197 1.66 -11.05 -37.41
N SER D 198 0.50 -11.64 -37.70
CA SER D 198 -0.17 -11.43 -38.98
C SER D 198 -1.16 -10.26 -39.04
N GLU D 199 -1.55 -9.75 -37.87
CA GLU D 199 -2.62 -8.74 -37.81
C GLU D 199 -2.21 -7.44 -37.12
N VAL D 200 -0.92 -7.13 -37.11
CA VAL D 200 -0.43 -5.98 -36.35
C VAL D 200 -0.98 -4.67 -36.94
N THR D 201 -1.20 -4.67 -38.25
CA THR D 201 -1.72 -3.50 -38.94
C THR D 201 -3.13 -3.14 -38.48
N ALA D 202 -4.02 -4.13 -38.51
CA ALA D 202 -5.40 -3.95 -38.09
C ALA D 202 -5.45 -3.49 -36.62
N ILE D 203 -4.63 -4.12 -35.79
CA ILE D 203 -4.56 -3.77 -34.38
C ILE D 203 -4.13 -2.32 -34.20
N GLN D 204 -3.14 -1.88 -34.96
CA GLN D 204 -2.70 -0.48 -34.89
C GLN D 204 -3.78 0.49 -35.36
N SER D 205 -4.55 0.09 -36.38
CA SER D 205 -5.66 0.90 -36.85
C SER D 205 -6.65 1.09 -35.70
N ALA D 206 -7.00 -0.02 -35.06
CA ALA D 206 -7.90 -0.01 -33.90
C ALA D 206 -7.35 0.92 -32.82
N VAL D 207 -6.05 0.83 -32.57
CA VAL D 207 -5.36 1.65 -31.58
C VAL D 207 -5.52 3.15 -31.90
N LYS D 208 -5.40 3.49 -33.18
CA LYS D 208 -5.57 4.87 -33.62
C LYS D 208 -7.00 5.34 -33.34
N VAL D 209 -7.96 4.50 -33.70
CA VAL D 209 -9.37 4.77 -33.44
C VAL D 209 -9.61 5.06 -31.95
N VAL D 210 -9.16 4.16 -31.08
CA VAL D 210 -9.31 4.33 -29.64
C VAL D 210 -8.58 5.59 -29.16
N ALA D 211 -7.48 5.92 -29.82
CA ALA D 211 -6.69 7.10 -29.47
C ALA D 211 -7.47 8.37 -29.77
N LYS D 212 -8.36 8.31 -30.75
CA LYS D 212 -9.19 9.47 -31.08
C LYS D 212 -10.25 9.76 -30.00
N LEU D 213 -10.40 8.86 -29.04
CA LEU D 213 -11.39 9.02 -27.98
C LEU D 213 -10.99 10.13 -27.00
N PRO D 214 -11.96 10.69 -26.29
CA PRO D 214 -11.68 11.66 -25.25
C PRO D 214 -10.89 11.10 -24.11
N TRP D 215 -11.20 9.89 -23.70
CA TRP D 215 -10.41 9.25 -22.65
C TRP D 215 -10.42 10.01 -21.33
N ALA D 216 -9.26 10.42 -20.87
CA ALA D 216 -9.10 11.18 -19.65
C ALA D 216 -9.76 12.54 -19.77
N LYS D 217 -9.95 12.98 -21.01
CA LYS D 217 -10.37 14.33 -21.25
C LYS D 217 -11.87 14.43 -21.26
N ALA D 218 -12.53 13.33 -20.94
CA ALA D 218 -13.97 13.32 -20.84
C ALA D 218 -14.34 12.90 -19.44
N GLY D 219 -15.26 13.60 -18.78
CA GLY D 219 -15.92 14.76 -19.35
C GLY D 219 -15.46 16.06 -18.75
N PHE D 220 -14.78 16.82 -19.57
CA PHE D 220 -14.43 18.18 -19.30
C PHE D 220 -14.93 18.86 -20.55
N THR D 221 -15.66 19.96 -20.39
CA THR D 221 -16.20 20.66 -21.54
C THR D 221 -15.04 21.28 -22.28
N ALA D 222 -15.26 21.66 -23.52
CA ALA D 222 -14.18 22.25 -24.31
C ALA D 222 -13.69 23.51 -23.62
N ALA D 223 -14.64 24.26 -23.06
CA ALA D 223 -14.35 25.48 -22.32
C ALA D 223 -13.45 25.12 -21.13
N ALA D 224 -13.76 23.99 -20.52
CA ALA D 224 -12.96 23.49 -19.39
C ALA D 224 -11.55 23.18 -19.83
N LYS D 225 -11.39 22.58 -21.01
CA LYS D 225 -10.08 22.15 -21.50
C LYS D 225 -9.20 23.34 -21.88
N ASN D 226 -9.82 24.36 -22.46
CA ASN D 226 -9.09 25.59 -22.81
C ASN D 226 -8.70 26.31 -21.52
N PHE D 227 -9.61 26.32 -20.56
CA PHE D 227 -9.39 26.97 -19.28
C PHE D 227 -8.20 26.32 -18.57
N LEU D 228 -8.21 24.99 -18.53
CA LEU D 228 -7.15 24.23 -17.89
C LEU D 228 -5.83 24.43 -18.63
N ALA D 229 -5.91 24.54 -19.94
CA ALA D 229 -4.72 24.78 -20.75
C ALA D 229 -4.09 26.13 -20.39
N LYS D 230 -4.94 27.12 -20.13
CA LYS D 230 -4.47 28.46 -19.79
C LYS D 230 -3.67 28.49 -18.48
N PHE D 231 -3.75 27.42 -17.71
CA PHE D 231 -3.00 27.32 -16.46
C PHE D 231 -1.98 26.19 -16.53
N ASN D 232 -1.47 25.95 -17.74
CA ASN D 232 -0.37 25.02 -17.95
C ASN D 232 -0.64 23.61 -17.45
N ILE D 233 -1.86 23.14 -17.68
CA ILE D 233 -2.27 21.80 -17.30
C ILE D 233 -2.65 21.02 -18.56
N SER D 234 -1.92 19.94 -18.83
CA SER D 234 -2.29 19.12 -19.97
C SER D 234 -3.37 18.21 -19.49
N VAL D 235 -4.58 18.55 -19.92
CA VAL D 235 -5.79 17.79 -19.65
C VAL D 235 -5.82 16.50 -20.46
#